data_4YCM
#
_entry.id   4YCM
#
_cell.length_a   71.666
_cell.length_b   71.666
_cell.length_c   585.235
_cell.angle_alpha   90.00
_cell.angle_beta   90.00
_cell.angle_gamma   90.00
#
_symmetry.space_group_name_H-M   'P 41 21 2'
#
loop_
_entity.id
_entity.type
_entity.pdbx_description
1 polymer 'Sarcoplasmic/endoplasmic reticulum calcium ATPase 1'
2 non-polymer 'SODIUM ION'
3 non-polymer 'SULFATE ION'
4 non-polymer '(4S,5E,8S,9E,11S,13E,15E,18R)-8-methoxy-9,11-dimethyl-18-[(1Z,4E)-2-methylhexa-1,4-dien-1-yl]-2-oxooxacyclooctadeca-5,9,13,15-tetraen-4-yl 3-O-methyl-beta-D-glucopyranoside'
5 non-polymer PHOSPHATIDYLETHANOLAMINE
#
_entity_poly.entity_id   1
_entity_poly.type   'polypeptide(L)'
_entity_poly.pdbx_seq_one_letter_code
;(AME)EAAHSKSTEECLAYFGVSETTGLTPDQVKRHLEKYGHNELPAEEGKSLWELVIEQFEDLLVRILLLAACISFVLA
WFEEGEETITAFVEPFVILLILIANAIVGVWQERNAENAIEALKEYEPEMGKVYRADRKSVQRIKARDIVPGDIVEVAVG
DKVPADIRILSIKSTTLRVDQSILTGESVSVIKHTEPVPDPRAVNQDKKNMLFSGTNIAAGKALGIVATTGVSTEIGKIR
DQMAATEQDKTPLQQKLDEFGEQLSKVISLICVAVWLINIGHFNDPVHGGSWIRGAIYYFKIAVALAVAAIPEGLPAVIT
TCLALGTRRMAKKNAIVRSLPSVETLGCTSVICSDKTGTLTTNQMSVCKMFIIDKVDGDFCSLNEFSITGSTYAPEGEVL
KNDKPIRSGQFDGLVELATICALCNDSSLDFNETKGVYEKVGEATETALTTLVEKMNVFNTEVRNLSKVERANACNSVIR
QLMKKEFTLEFSRDRKSMSVYCSPAKSSRAAVGNKMFVKGAPEGVIDRCNYVRVGTTRVPMTGPVKEKILSVIKEWGTGR
DTLRCLALATRDTPPKREEMVLDDSSRFMEYETDLTFVGVVGMLDPPRKEVMGSIQLCRDAGIRVIMITGDNKGTAIAIC
RRIGIFGENEEVADRAYTGREFDDLPLAEQREACRRACCFARVEPSHKSKIVEYLQSYDEITAMTGDGVNDAPALKKAEI
GIAMGSGTAVAKTASEMVLADDNFSTIVAAVEEGRAIYNNMKQFIRYLISSNVGEVVCIFLTAALGLPEALIPVQLLWVN
LVTDGLPATALGFNPPDLDIMDRPPRSPKEPLISGWLFFRYMAIGGYVGAATVGAAAWWFMYAEDGPGVTYHQLTHFMQC
TEDHPHFEGLDCEIFEAPEPMTMALSVLVTIEMCNALNSLSENQSLMRMPPWVNIWLLGSICLSMSLHFLILYVDPLPMI
FKLKALDLTQWLMVLKISLPVIGLDEILKFIARNYLEG
;
_entity_poly.pdbx_strand_id   A
#
loop_
_chem_comp.id
_chem_comp.type
_chem_comp.name
_chem_comp.formula
7BS non-polymer '(4S,5E,8S,9E,11S,13E,15E,18R)-8-methoxy-9,11-dimethyl-18-[(1Z,4E)-2-methylhexa-1,4-dien-1-yl]-2-oxooxacyclooctadeca-5,9,13,15-tetraen-4-yl 3-O-methyl-beta-D-glucopyranoside' 'C34 H52 O9'
NA non-polymer 'SODIUM ION' 'Na 1'
PTY non-polymer PHOSPHATIDYLETHANOLAMINE 'C40 H80 N O8 P'
SO4 non-polymer 'SULFATE ION' 'O4 S -2'
#
# COMPACT_ATOMS: atom_id res chain seq x y z
CT2 AME A 1 23.16 -9.18 27.13
CT1 AME A 1 21.80 -9.81 27.05
OT AME A 1 20.96 -9.58 27.92
CB AME A 1 23.45 -12.01 25.19
CG AME A 1 24.34 -12.27 26.39
SD AME A 1 25.54 -13.59 26.09
CE AME A 1 26.94 -12.65 25.46
C AME A 1 22.46 -10.36 23.65
O AME A 1 22.00 -11.26 22.97
N AME A 1 21.64 -10.52 26.05
CA AME A 1 22.81 -10.63 25.11
N GLU A 2 22.65 -9.12 23.20
CA GLU A 2 22.31 -8.74 21.83
C GLU A 2 23.36 -9.21 20.83
N ALA A 3 24.60 -9.31 21.28
CA ALA A 3 25.68 -9.74 20.38
C ALA A 3 26.13 -11.16 20.69
N ALA A 4 25.18 -12.04 20.93
CA ALA A 4 25.46 -13.42 21.28
C ALA A 4 26.04 -14.18 20.09
N HIS A 5 25.71 -13.73 18.88
CA HIS A 5 26.17 -14.39 17.67
C HIS A 5 27.68 -14.25 17.49
N SER A 6 28.22 -13.12 17.95
CA SER A 6 29.65 -12.85 17.83
C SER A 6 30.43 -13.54 18.94
N LYS A 7 29.77 -13.82 20.05
CA LYS A 7 30.40 -14.48 21.19
C LYS A 7 30.40 -15.99 20.97
N SER A 8 31.39 -16.67 21.53
CA SER A 8 31.48 -18.12 21.43
C SER A 8 30.47 -18.79 22.35
N THR A 9 30.25 -20.09 22.14
CA THR A 9 29.29 -20.83 22.94
C THR A 9 29.71 -20.89 24.40
N GLU A 10 31.02 -20.92 24.64
CA GLU A 10 31.54 -20.93 25.99
C GLU A 10 31.32 -19.58 26.67
N GLU A 11 31.37 -18.51 25.87
CA GLU A 11 31.22 -17.16 26.42
C GLU A 11 29.79 -16.84 26.81
N CYS A 12 28.83 -17.29 26.01
CA CYS A 12 27.42 -17.05 26.30
C CYS A 12 26.99 -17.77 27.58
N LEU A 13 27.52 -18.97 27.78
CA LEU A 13 27.24 -19.74 28.98
C LEU A 13 27.86 -19.07 30.20
N ALA A 14 29.03 -18.48 30.00
CA ALA A 14 29.76 -17.82 31.09
C ALA A 14 29.06 -16.54 31.51
N TYR A 15 28.53 -15.81 30.54
CA TYR A 15 27.84 -14.54 30.81
C TYR A 15 26.64 -14.76 31.72
N PHE A 16 25.68 -15.56 31.25
CA PHE A 16 24.48 -15.85 32.03
C PHE A 16 24.79 -16.68 33.26
N GLY A 17 25.91 -17.42 33.21
CA GLY A 17 26.29 -18.29 34.31
C GLY A 17 25.39 -19.50 34.43
N VAL A 18 25.27 -20.24 33.33
CA VAL A 18 24.41 -21.42 33.30
C VAL A 18 25.17 -22.62 32.77
N SER A 19 24.90 -23.79 33.36
CA SER A 19 25.51 -25.03 32.91
C SER A 19 24.68 -25.65 31.79
N GLU A 20 25.36 -26.02 30.69
CA GLU A 20 24.68 -26.57 29.53
C GLU A 20 24.00 -27.90 29.84
N THR A 21 24.51 -28.60 30.85
CA THR A 21 23.98 -29.91 31.21
C THR A 21 22.81 -29.79 32.17
N THR A 22 22.91 -28.88 33.13
CA THR A 22 21.88 -28.72 34.15
C THR A 22 20.78 -27.77 33.71
N GLY A 23 21.18 -26.57 33.27
CA GLY A 23 20.23 -25.54 32.90
C GLY A 23 20.07 -24.52 34.00
N LEU A 24 19.18 -23.56 33.79
CA LEU A 24 18.92 -22.53 34.79
C LEU A 24 18.20 -23.08 36.01
N THR A 25 18.73 -22.78 37.18
CA THR A 25 18.10 -23.16 38.44
C THR A 25 16.88 -22.29 38.72
N PRO A 26 15.85 -22.85 39.37
CA PRO A 26 14.61 -22.15 39.68
C PRO A 26 14.84 -20.80 40.37
N ASP A 27 15.95 -20.65 41.07
CA ASP A 27 16.30 -19.38 41.70
C ASP A 27 16.69 -18.38 40.63
N GLN A 28 17.49 -18.82 39.67
CA GLN A 28 17.89 -17.98 38.55
C GLN A 28 16.69 -17.63 37.69
N VAL A 29 15.78 -18.59 37.52
CA VAL A 29 14.57 -18.37 36.74
C VAL A 29 13.75 -17.23 37.31
N LYS A 30 13.69 -17.16 38.64
CA LYS A 30 12.99 -16.08 39.31
C LYS A 30 13.71 -14.75 39.06
N ARG A 31 15.04 -14.80 39.12
CA ARG A 31 15.86 -13.61 38.94
C ARG A 31 15.82 -13.10 37.49
N HIS A 32 16.02 -14.01 36.55
CA HIS A 32 16.05 -13.65 35.13
C HIS A 32 14.68 -13.19 34.64
N LEU A 33 13.64 -13.84 35.11
CA LEU A 33 12.28 -13.53 34.67
C LEU A 33 11.84 -12.18 35.24
N GLU A 34 12.26 -11.88 36.46
CA GLU A 34 11.92 -10.62 37.10
C GLU A 34 12.78 -9.48 36.57
N LYS A 35 13.90 -9.84 35.94
CA LYS A 35 14.81 -8.84 35.40
C LYS A 35 14.54 -8.55 33.92
N TYR A 36 14.57 -9.59 33.09
CA TYR A 36 14.39 -9.43 31.66
C TYR A 36 12.91 -9.44 31.27
N GLY A 37 12.06 -9.90 32.17
CA GLY A 37 10.63 -9.94 31.92
C GLY A 37 10.22 -11.19 31.15
N HIS A 38 8.93 -11.28 30.84
CA HIS A 38 8.39 -12.43 30.12
C HIS A 38 8.75 -12.38 28.64
N ASN A 39 8.93 -13.55 28.04
CA ASN A 39 9.23 -13.66 26.62
C ASN A 39 7.96 -13.54 25.78
N GLU A 40 7.51 -12.31 25.57
CA GLU A 40 6.29 -12.06 24.80
C GLU A 40 6.15 -10.59 24.41
N LEU A 41 5.64 -10.35 23.21
CA LEU A 41 5.39 -8.98 22.76
C LEU A 41 4.28 -8.34 23.58
N PRO A 42 4.44 -7.06 23.92
CA PRO A 42 3.47 -6.31 24.72
C PRO A 42 2.09 -6.30 24.08
N ALA A 43 1.06 -6.61 24.87
CA ALA A 43 -0.31 -6.58 24.40
C ALA A 43 -0.65 -5.16 23.93
N GLU A 44 -1.02 -5.05 22.65
CA GLU A 44 -1.28 -3.74 22.05
C GLU A 44 -2.44 -3.02 22.73
N GLU A 45 -2.18 -2.48 23.92
CA GLU A 45 -3.17 -1.70 24.65
C GLU A 45 -3.25 -0.28 24.11
N GLY A 46 -4.09 0.54 24.75
CA GLY A 46 -4.37 1.87 24.25
C GLY A 46 -5.40 1.76 23.14
N LYS A 47 -6.27 0.76 23.26
CA LYS A 47 -7.27 0.46 22.24
C LYS A 47 -8.42 1.45 22.27
N SER A 48 -9.42 1.21 21.44
CA SER A 48 -10.58 2.10 21.35
C SER A 48 -11.68 1.69 22.32
N LEU A 49 -12.45 2.68 22.77
CA LEU A 49 -13.57 2.42 23.68
C LEU A 49 -14.67 3.43 23.44
N TRP A 50 -15.30 3.86 24.53
CA TRP A 50 -16.26 4.96 24.49
C TRP A 50 -15.52 6.23 24.10
N GLU A 51 -14.22 6.25 24.37
CA GLU A 51 -13.35 7.37 24.00
C GLU A 51 -13.28 7.55 22.49
N LEU A 52 -13.43 6.45 21.76
CA LEU A 52 -13.41 6.49 20.30
C LEU A 52 -14.60 7.29 19.77
N VAL A 53 -15.70 7.24 20.52
CA VAL A 53 -16.88 8.02 20.16
C VAL A 53 -16.66 9.48 20.51
N ILE A 54 -15.94 9.72 21.61
CA ILE A 54 -15.64 11.08 22.06
C ILE A 54 -14.75 11.80 21.06
N GLU A 55 -13.88 11.05 20.38
CA GLU A 55 -12.97 11.62 19.41
C GLU A 55 -13.70 12.21 18.21
N GLN A 56 -14.90 11.71 17.94
CA GLN A 56 -15.70 12.22 16.83
C GLN A 56 -16.33 13.56 17.17
N PHE A 57 -16.52 13.80 18.46
CA PHE A 57 -17.08 15.06 18.94
C PHE A 57 -15.99 15.95 19.53
N GLU A 58 -14.82 15.96 18.90
CA GLU A 58 -13.71 16.79 19.34
C GLU A 58 -13.52 18.01 18.45
N ASP A 59 -13.89 17.88 17.18
CA ASP A 59 -13.75 18.98 16.23
C ASP A 59 -14.68 20.13 16.59
N LEU A 60 -14.55 21.24 15.87
CA LEU A 60 -15.32 22.44 16.16
C LEU A 60 -16.71 22.38 15.55
N LEU A 61 -16.78 22.02 14.26
CA LEU A 61 -18.06 21.95 13.56
C LEU A 61 -19.02 20.95 14.22
N VAL A 62 -18.48 19.80 14.61
CA VAL A 62 -19.30 18.76 15.23
C VAL A 62 -19.90 19.26 16.54
N ARG A 63 -19.18 20.15 17.21
CA ARG A 63 -19.68 20.75 18.45
C ARG A 63 -20.72 21.83 18.14
N ILE A 64 -20.51 22.54 17.04
CA ILE A 64 -21.44 23.55 16.59
C ILE A 64 -22.77 22.92 16.18
N LEU A 65 -22.69 21.78 15.50
CA LEU A 65 -23.88 21.06 15.08
C LEU A 65 -24.54 20.41 16.29
N LEU A 66 -23.72 19.96 17.23
CA LEU A 66 -24.21 19.41 18.49
C LEU A 66 -24.92 20.49 19.29
N LEU A 67 -24.36 21.69 19.26
CA LEU A 67 -24.94 22.84 19.94
C LEU A 67 -26.27 23.22 19.30
N ALA A 68 -26.36 23.02 17.99
CA ALA A 68 -27.59 23.29 17.26
C ALA A 68 -28.70 22.36 17.73
N ALA A 69 -28.31 21.15 18.15
CA ALA A 69 -29.28 20.18 18.66
C ALA A 69 -29.77 20.58 20.05
N CYS A 70 -28.85 21.08 20.88
CA CYS A 70 -29.20 21.49 22.23
C CYS A 70 -30.11 22.71 22.22
N ILE A 71 -29.78 23.67 21.36
CA ILE A 71 -30.60 24.88 21.22
C ILE A 71 -31.95 24.55 20.60
N SER A 72 -31.95 23.61 19.67
CA SER A 72 -33.18 23.18 19.02
C SER A 72 -34.08 22.44 20.00
N PHE A 73 -33.47 21.69 20.91
CA PHE A 73 -34.22 20.93 21.90
C PHE A 73 -34.91 21.88 22.87
N VAL A 74 -34.29 23.03 23.12
CA VAL A 74 -34.86 24.06 23.98
C VAL A 74 -36.06 24.72 23.32
N LEU A 75 -35.93 25.04 22.03
CA LEU A 75 -37.02 25.67 21.29
C LEU A 75 -38.08 24.65 20.87
N ALA A 76 -37.74 23.37 20.94
CA ALA A 76 -38.66 22.31 20.55
C ALA A 76 -39.84 22.22 21.52
N TRP A 77 -39.52 22.26 22.82
CA TRP A 77 -40.55 22.16 23.86
C TRP A 77 -41.32 23.46 24.00
N PHE A 78 -40.62 24.58 23.79
CA PHE A 78 -41.22 25.90 23.95
C PHE A 78 -42.01 26.32 22.70
N GLU A 79 -43.30 25.97 22.67
CA GLU A 79 -44.17 26.34 21.56
C GLU A 79 -45.63 26.22 21.98
N GLU A 80 -46.48 27.10 21.44
CA GLU A 80 -47.89 27.14 21.81
C GLU A 80 -48.74 26.11 21.09
N GLY A 81 -48.37 25.80 19.84
CA GLY A 81 -49.14 24.87 19.03
C GLY A 81 -49.30 23.51 19.68
N GLU A 82 -50.44 22.88 19.46
CA GLU A 82 -50.71 21.57 20.06
C GLU A 82 -50.31 20.42 19.13
N GLU A 83 -49.23 20.63 18.39
CA GLU A 83 -48.73 19.60 17.48
C GLU A 83 -47.89 18.59 18.24
N THR A 84 -48.08 17.31 17.94
CA THR A 84 -47.47 16.24 18.71
C THR A 84 -46.14 15.75 18.13
N ILE A 85 -46.22 14.84 17.16
CA ILE A 85 -45.03 14.15 16.65
C ILE A 85 -44.04 15.11 15.99
N THR A 86 -44.53 16.20 15.44
CA THR A 86 -43.68 17.15 14.72
C THR A 86 -42.89 18.02 15.68
N ALA A 87 -43.14 17.87 16.97
CA ALA A 87 -42.45 18.66 17.98
C ALA A 87 -40.97 18.33 18.04
N PHE A 88 -40.66 17.06 18.31
CA PHE A 88 -39.28 16.60 18.39
C PHE A 88 -38.81 16.03 17.07
N VAL A 89 -38.58 16.91 16.10
CA VAL A 89 -38.09 16.49 14.79
C VAL A 89 -36.80 17.23 14.45
N GLU A 90 -36.79 18.53 14.70
CA GLU A 90 -35.61 19.36 14.45
C GLU A 90 -34.39 18.88 15.24
N PRO A 91 -34.56 18.67 16.55
CA PRO A 91 -33.42 18.19 17.34
C PRO A 91 -33.22 16.67 17.21
N PHE A 92 -34.24 15.99 16.72
CA PHE A 92 -34.17 14.54 16.54
C PHE A 92 -33.29 14.17 15.36
N VAL A 93 -33.58 14.76 14.20
CA VAL A 93 -32.85 14.45 12.97
C VAL A 93 -31.38 14.84 13.07
N ILE A 94 -31.09 15.87 13.86
CA ILE A 94 -29.72 16.32 14.07
C ILE A 94 -28.89 15.24 14.77
N LEU A 95 -29.47 14.65 15.81
CA LEU A 95 -28.81 13.55 16.51
C LEU A 95 -28.64 12.34 15.61
N LEU A 96 -29.60 12.13 14.72
CA LEU A 96 -29.56 11.00 13.79
C LEU A 96 -28.31 11.07 12.92
N ILE A 97 -28.02 12.25 12.41
CA ILE A 97 -26.86 12.45 11.55
C ILE A 97 -25.58 12.55 12.36
N LEU A 98 -25.65 13.24 13.50
CA LEU A 98 -24.51 13.35 14.41
C LEU A 98 -24.08 11.97 14.92
N ILE A 99 -25.06 11.09 15.08
CA ILE A 99 -24.78 9.72 15.47
C ILE A 99 -24.31 8.90 14.27
N ALA A 100 -24.98 9.09 13.13
CA ALA A 100 -24.63 8.36 11.92
C ALA A 100 -23.24 8.76 11.41
N ASN A 101 -22.99 10.07 11.34
CA ASN A 101 -21.69 10.57 10.91
C ASN A 101 -20.56 10.11 11.83
N ALA A 102 -20.87 9.99 13.12
CA ALA A 102 -19.88 9.55 14.11
C ALA A 102 -19.58 8.06 13.93
N ILE A 103 -20.60 7.29 13.56
CA ILE A 103 -20.45 5.85 13.35
C ILE A 103 -19.58 5.58 12.13
N VAL A 104 -19.65 6.47 11.14
CA VAL A 104 -18.84 6.32 9.94
C VAL A 104 -17.36 6.54 10.25
N GLY A 105 -17.08 7.53 11.08
CA GLY A 105 -15.71 7.84 11.47
C GLY A 105 -15.16 6.84 12.46
N VAL A 106 -16.05 6.31 13.30
CA VAL A 106 -15.66 5.31 14.29
C VAL A 106 -15.51 3.95 13.62
N TRP A 107 -15.94 3.87 12.37
CA TRP A 107 -15.90 2.62 11.63
C TRP A 107 -14.47 2.22 11.28
N GLN A 108 -13.75 1.68 12.27
CA GLN A 108 -12.41 1.17 12.06
C GLN A 108 -12.32 -0.28 12.54
N GLU A 109 -13.44 -0.99 12.39
CA GLU A 109 -13.52 -2.38 12.83
C GLU A 109 -13.31 -3.35 11.68
N ARG A 110 -14.11 -3.19 10.63
CA ARG A 110 -14.11 -4.14 9.52
C ARG A 110 -13.22 -3.67 8.37
N ASN A 111 -12.84 -2.39 8.40
CA ASN A 111 -12.07 -1.80 7.31
C ASN A 111 -10.60 -1.59 7.65
N ALA A 112 -10.14 -2.20 8.74
CA ALA A 112 -8.74 -2.07 9.15
C ALA A 112 -8.32 -3.14 10.15
N GLU A 113 -7.43 -4.03 9.72
CA GLU A 113 -6.91 -5.09 10.59
C GLU A 113 -5.68 -4.61 11.35
N ASN A 114 -5.33 -5.32 12.41
CA ASN A 114 -4.16 -4.98 13.21
C ASN A 114 -2.91 -5.69 12.73
N ALA A 115 -1.79 -4.98 12.71
CA ALA A 115 -0.54 -5.53 12.20
C ALA A 115 0.29 -6.18 13.31
N ILE A 116 0.24 -5.60 14.49
CA ILE A 116 1.00 -6.12 15.63
C ILE A 116 0.39 -7.41 16.15
N GLU A 117 -0.94 -7.51 16.08
CA GLU A 117 -1.64 -8.71 16.51
C GLU A 117 -1.34 -9.87 15.58
N ALA A 118 -1.19 -9.58 14.29
CA ALA A 118 -0.82 -10.60 13.32
C ALA A 118 0.63 -11.02 13.53
N LEU A 119 1.41 -10.13 14.13
CA LEU A 119 2.81 -10.41 14.43
C LEU A 119 2.94 -11.34 15.62
N LYS A 120 1.91 -11.37 16.46
CA LYS A 120 1.91 -12.23 17.64
C LYS A 120 1.57 -13.68 17.29
N GLU A 121 1.23 -13.91 16.03
CA GLU A 121 0.87 -15.25 15.57
C GLU A 121 2.11 -16.11 15.36
N TYR A 122 3.28 -15.46 15.35
CA TYR A 122 4.54 -16.16 15.13
C TYR A 122 5.12 -16.72 16.42
N GLU A 123 4.90 -16.02 17.53
CA GLU A 123 5.37 -16.50 18.82
C GLU A 123 4.51 -17.69 19.27
N PRO A 124 5.15 -18.84 19.50
CA PRO A 124 4.45 -20.09 19.85
C PRO A 124 3.84 -20.06 21.24
N GLU A 125 3.03 -21.07 21.56
CA GLU A 125 2.37 -21.16 22.86
C GLU A 125 3.31 -21.74 23.91
N MET A 126 4.01 -22.81 23.54
CA MET A 126 4.91 -23.50 24.47
C MET A 126 6.28 -23.77 23.85
N GLY A 127 7.26 -24.01 24.70
CA GLY A 127 8.62 -24.30 24.27
C GLY A 127 9.34 -25.23 25.22
N LYS A 128 10.37 -25.91 24.72
CA LYS A 128 11.13 -26.89 25.50
C LYS A 128 12.34 -26.25 26.16
N VAL A 129 12.58 -26.62 27.42
CA VAL A 129 13.72 -26.10 28.16
C VAL A 129 14.29 -27.12 29.12
N TYR A 130 15.57 -26.96 29.46
CA TYR A 130 16.22 -27.81 30.46
C TYR A 130 16.51 -27.01 31.72
N ARG A 131 15.76 -27.29 32.78
CA ARG A 131 15.96 -26.61 34.05
C ARG A 131 16.71 -27.49 35.03
N ALA A 132 17.28 -26.90 36.07
CA ALA A 132 18.10 -27.64 37.02
C ALA A 132 17.25 -28.41 38.03
N ASP A 133 15.96 -28.10 38.09
CA ASP A 133 15.07 -28.75 39.04
C ASP A 133 14.73 -30.18 38.62
N ARG A 134 14.87 -30.45 37.32
CA ARG A 134 14.60 -31.79 36.80
C ARG A 134 15.71 -32.25 35.86
N LYS A 135 15.64 -33.50 35.44
CA LYS A 135 16.63 -34.07 34.54
C LYS A 135 16.11 -34.11 33.11
N SER A 136 14.94 -34.72 32.92
CA SER A 136 14.34 -34.83 31.61
C SER A 136 13.84 -33.48 31.12
N VAL A 137 13.67 -33.35 29.81
CA VAL A 137 13.18 -32.11 29.22
C VAL A 137 11.74 -31.84 29.64
N GLN A 138 11.41 -30.55 29.80
CA GLN A 138 10.06 -30.17 30.20
C GLN A 138 9.59 -28.95 29.41
N ARG A 139 8.46 -29.10 28.71
CA ARG A 139 7.90 -28.01 27.92
C ARG A 139 7.07 -27.07 28.78
N ILE A 140 7.30 -25.77 28.61
CA ILE A 140 6.55 -24.75 29.34
C ILE A 140 6.02 -23.70 28.39
N LYS A 141 5.29 -22.73 28.92
CA LYS A 141 4.78 -21.64 28.10
C LYS A 141 5.95 -20.81 27.56
N ALA A 142 5.83 -20.38 26.30
CA ALA A 142 6.90 -19.63 25.66
C ALA A 142 7.20 -18.33 26.42
N ARG A 143 6.17 -17.77 27.05
CA ARG A 143 6.32 -16.53 27.79
C ARG A 143 7.15 -16.72 29.05
N ASP A 144 7.15 -17.95 29.58
CA ASP A 144 7.89 -18.25 30.80
C ASP A 144 9.38 -18.39 30.55
N ILE A 145 9.75 -18.54 29.28
CA ILE A 145 11.16 -18.66 28.90
C ILE A 145 11.90 -17.34 29.10
N VAL A 146 13.12 -17.44 29.63
CA VAL A 146 13.92 -16.26 29.90
C VAL A 146 15.32 -16.41 29.32
N PRO A 147 16.03 -15.28 29.14
CA PRO A 147 17.40 -15.27 28.63
C PRO A 147 18.34 -16.09 29.51
N GLY A 148 19.09 -16.99 28.88
CA GLY A 148 20.00 -17.86 29.61
C GLY A 148 19.48 -19.28 29.70
N ASP A 149 18.23 -19.47 29.30
CA ASP A 149 17.60 -20.78 29.31
C ASP A 149 18.24 -21.72 28.29
N ILE A 150 18.50 -22.95 28.70
CA ILE A 150 19.00 -23.97 27.80
C ILE A 150 17.84 -24.64 27.09
N VAL A 151 17.44 -24.08 25.95
CA VAL A 151 16.28 -24.55 25.22
C VAL A 151 16.61 -25.66 24.22
N GLU A 152 15.58 -26.40 23.83
CA GLU A 152 15.73 -27.48 22.86
C GLU A 152 14.76 -27.29 21.70
N VAL A 153 15.21 -27.64 20.50
CA VAL A 153 14.38 -27.49 19.31
C VAL A 153 14.55 -28.66 18.34
N ALA A 154 13.44 -29.05 17.71
CA ALA A 154 13.46 -30.14 16.74
C ALA A 154 12.68 -29.75 15.50
N VAL A 155 12.56 -30.68 14.56
CA VAL A 155 11.86 -30.43 13.31
C VAL A 155 10.39 -30.13 13.57
N GLY A 156 9.87 -29.10 12.89
CA GLY A 156 8.48 -28.73 13.02
C GLY A 156 8.23 -27.73 14.14
N ASP A 157 9.19 -27.63 15.06
CA ASP A 157 9.06 -26.73 16.20
C ASP A 157 9.19 -25.27 15.80
N LYS A 158 8.34 -24.43 16.37
CA LYS A 158 8.40 -22.99 16.15
C LYS A 158 9.31 -22.35 17.19
N VAL A 159 10.36 -21.67 16.74
CA VAL A 159 11.33 -21.08 17.65
C VAL A 159 10.70 -20.02 18.54
N PRO A 160 10.80 -20.22 19.86
CA PRO A 160 10.18 -19.35 20.87
C PRO A 160 10.92 -18.02 21.07
N ALA A 161 12.25 -18.08 21.12
CA ALA A 161 13.04 -16.87 21.36
C ALA A 161 14.33 -16.86 20.55
N ASP A 162 15.00 -15.71 20.52
CA ASP A 162 16.30 -15.60 19.86
C ASP A 162 17.33 -16.44 20.60
N ILE A 163 17.75 -17.54 19.97
CA ILE A 163 18.58 -18.53 20.64
C ILE A 163 19.98 -18.65 20.01
N ARG A 164 21.00 -18.60 20.86
CA ARG A 164 22.36 -18.87 20.45
C ARG A 164 22.61 -20.37 20.47
N ILE A 165 22.81 -20.96 19.28
CA ILE A 165 22.97 -22.41 19.18
C ILE A 165 24.22 -22.88 19.89
N LEU A 166 24.05 -23.89 20.74
CA LEU A 166 25.16 -24.45 21.49
C LEU A 166 25.68 -25.74 20.87
N SER A 167 24.78 -26.70 20.67
CA SER A 167 25.16 -28.00 20.12
C SER A 167 24.07 -28.55 19.20
N ILE A 168 24.49 -29.00 18.02
CA ILE A 168 23.56 -29.60 17.06
C ILE A 168 23.58 -31.12 17.19
N LYS A 169 22.49 -31.68 17.70
CA LYS A 169 22.41 -33.12 17.95
C LYS A 169 22.23 -33.92 16.66
N SER A 170 21.45 -33.38 15.74
CA SER A 170 21.24 -34.05 14.46
C SER A 170 22.45 -33.88 13.54
N THR A 171 22.38 -34.46 12.35
CA THR A 171 23.46 -34.36 11.38
C THR A 171 23.58 -32.93 10.87
N THR A 172 22.46 -32.35 10.44
CA THR A 172 22.44 -30.97 9.98
C THR A 172 21.16 -30.28 10.44
N LEU A 173 21.26 -28.98 10.72
CA LEU A 173 20.12 -28.21 11.22
C LEU A 173 19.65 -27.18 10.19
N ARG A 174 18.40 -27.31 9.77
CA ARG A 174 17.81 -26.39 8.80
C ARG A 174 16.67 -25.59 9.41
N VAL A 175 16.60 -24.30 9.08
CA VAL A 175 15.56 -23.43 9.60
C VAL A 175 14.93 -22.59 8.49
N ASP A 176 13.63 -22.40 8.56
CA ASP A 176 12.91 -21.64 7.55
C ASP A 176 12.71 -20.19 7.98
N GLN A 177 13.67 -19.35 7.65
CA GLN A 177 13.62 -17.94 8.02
C GLN A 177 12.94 -17.11 6.93
N SER A 178 11.79 -17.59 6.45
CA SER A 178 11.10 -16.92 5.36
C SER A 178 10.56 -15.56 5.79
N ILE A 179 10.06 -15.48 7.02
CA ILE A 179 9.44 -14.24 7.51
C ILE A 179 10.47 -13.17 7.85
N LEU A 180 11.69 -13.59 8.21
CA LEU A 180 12.73 -12.65 8.59
C LEU A 180 13.77 -12.44 7.51
N THR A 181 13.52 -13.01 6.32
CA THR A 181 14.42 -12.82 5.20
C THR A 181 13.64 -12.71 3.89
N GLY A 182 12.94 -13.77 3.52
CA GLY A 182 12.18 -13.79 2.29
C GLY A 182 12.43 -15.07 1.50
N GLU A 183 13.69 -15.48 1.45
CA GLU A 183 14.06 -16.70 0.74
C GLU A 183 13.54 -17.93 1.48
N SER A 184 12.75 -18.74 0.79
CA SER A 184 12.14 -19.92 1.39
C SER A 184 13.16 -21.03 1.57
N VAL A 185 14.38 -20.81 1.12
CA VAL A 185 15.45 -21.78 1.27
C VAL A 185 15.85 -21.92 2.73
N SER A 186 15.57 -23.09 3.31
CA SER A 186 15.91 -23.35 4.71
C SER A 186 17.42 -23.31 4.91
N VAL A 187 17.91 -22.21 5.48
CA VAL A 187 19.34 -22.03 5.69
C VAL A 187 19.89 -23.02 6.72
N ILE A 188 21.17 -23.39 6.56
CA ILE A 188 21.83 -24.31 7.48
C ILE A 188 22.57 -23.53 8.56
N LYS A 189 22.40 -23.94 9.82
CA LYS A 189 23.04 -23.25 10.94
C LYS A 189 24.24 -24.02 11.47
N HIS A 190 25.08 -23.34 12.24
CA HIS A 190 26.26 -23.95 12.84
C HIS A 190 26.47 -23.46 14.27
N THR A 191 27.53 -23.95 14.91
CA THR A 191 27.79 -23.64 16.32
C THR A 191 28.86 -22.57 16.50
N GLU A 192 29.79 -22.51 15.54
CA GLU A 192 30.89 -21.55 15.63
C GLU A 192 30.39 -20.11 15.58
N PRO A 193 31.15 -19.18 16.18
CA PRO A 193 30.78 -17.77 16.31
C PRO A 193 31.00 -16.97 15.04
N VAL A 194 30.21 -15.91 14.86
CA VAL A 194 30.40 -14.99 13.75
C VAL A 194 31.17 -13.76 14.22
N PRO A 195 32.38 -13.57 13.66
CA PRO A 195 33.31 -12.53 14.10
C PRO A 195 32.75 -11.12 14.05
N ASP A 196 31.92 -10.83 13.04
CA ASP A 196 31.34 -9.50 12.91
C ASP A 196 30.27 -9.26 13.96
N PRO A 197 30.45 -8.20 14.77
CA PRO A 197 29.52 -7.86 15.86
C PRO A 197 28.22 -7.23 15.34
N ARG A 198 28.30 -6.46 14.26
CA ARG A 198 27.12 -5.83 13.69
C ARG A 198 26.70 -6.48 12.38
N ALA A 199 26.84 -7.80 12.32
CA ALA A 199 26.46 -8.54 11.13
C ALA A 199 24.95 -8.64 10.98
N VAL A 200 24.47 -8.74 9.75
CA VAL A 200 23.05 -8.86 9.48
C VAL A 200 22.54 -10.25 9.88
N ASN A 201 21.22 -10.37 10.05
CA ASN A 201 20.62 -11.62 10.48
C ASN A 201 20.89 -12.76 9.50
N GLN A 202 21.05 -12.42 8.23
CA GLN A 202 21.32 -13.42 7.21
C GLN A 202 22.72 -14.02 7.39
N ASP A 203 23.59 -13.27 8.04
CA ASP A 203 24.97 -13.71 8.26
C ASP A 203 25.11 -14.47 9.58
N LYS A 204 24.16 -14.24 10.50
CA LYS A 204 24.17 -14.93 11.78
C LYS A 204 23.81 -16.40 11.60
N LYS A 205 24.81 -17.22 11.26
CA LYS A 205 24.57 -18.63 10.98
C LYS A 205 24.60 -19.49 12.24
N ASN A 206 24.54 -18.83 13.40
CA ASN A 206 24.55 -19.55 14.68
C ASN A 206 23.46 -19.03 15.61
N MET A 207 22.37 -18.55 15.03
CA MET A 207 21.26 -18.00 15.80
C MET A 207 19.93 -18.52 15.28
N LEU A 208 19.03 -18.85 16.20
CA LEU A 208 17.67 -19.23 15.83
C LEU A 208 16.69 -18.15 16.28
N PHE A 209 16.19 -17.37 15.34
CA PHE A 209 15.33 -16.24 15.65
C PHE A 209 13.92 -16.67 16.02
N SER A 210 13.29 -15.92 16.91
CA SER A 210 11.91 -16.19 17.31
C SER A 210 10.97 -16.00 16.13
N GLY A 211 9.93 -16.83 16.06
CA GLY A 211 9.00 -16.79 14.95
C GLY A 211 9.39 -17.78 13.87
N THR A 212 10.69 -18.04 13.75
CA THR A 212 11.21 -19.00 12.78
C THR A 212 10.86 -20.42 13.23
N ASN A 213 10.81 -21.33 12.28
CA ASN A 213 10.54 -22.74 12.58
C ASN A 213 11.56 -23.66 11.93
N ILE A 214 11.94 -24.71 12.66
CA ILE A 214 12.96 -25.64 12.19
C ILE A 214 12.43 -26.54 11.10
N ALA A 215 13.03 -26.45 9.91
CA ALA A 215 12.61 -27.26 8.76
C ALA A 215 13.10 -28.70 8.88
N ALA A 216 14.28 -28.87 9.48
CA ALA A 216 14.86 -30.19 9.64
C ALA A 216 16.01 -30.18 10.65
N GLY A 217 16.12 -31.24 11.44
CA GLY A 217 17.19 -31.37 12.41
C GLY A 217 16.76 -31.19 13.85
N LYS A 218 17.72 -31.23 14.76
CA LYS A 218 17.47 -31.05 16.18
C LYS A 218 18.71 -30.49 16.86
N ALA A 219 18.53 -29.51 17.74
CA ALA A 219 19.67 -28.88 18.39
C ALA A 219 19.32 -28.28 19.74
N LEU A 220 20.36 -27.86 20.47
CA LEU A 220 20.20 -27.25 21.78
C LEU A 220 21.00 -25.95 21.83
N GLY A 221 20.44 -24.92 22.46
CA GLY A 221 21.10 -23.63 22.54
C GLY A 221 20.68 -22.80 23.73
N ILE A 222 21.38 -21.69 23.95
CA ILE A 222 21.07 -20.78 25.04
C ILE A 222 20.32 -19.56 24.54
N VAL A 223 19.29 -19.15 25.27
CA VAL A 223 18.47 -18.01 24.88
C VAL A 223 19.20 -16.69 25.11
N ALA A 224 19.45 -15.96 24.02
CA ALA A 224 20.16 -14.69 24.08
C ALA A 224 19.24 -13.55 24.49
N THR A 225 18.19 -13.33 23.70
CA THR A 225 17.25 -12.25 23.97
C THR A 225 15.81 -12.74 23.90
N THR A 226 14.92 -12.04 24.61
CA THR A 226 13.51 -12.39 24.62
C THR A 226 12.64 -11.15 24.61
N GLY A 227 11.37 -11.32 24.26
CA GLY A 227 10.42 -10.23 24.24
C GLY A 227 10.67 -9.23 23.12
N VAL A 228 10.83 -7.97 23.49
CA VAL A 228 11.02 -6.91 22.50
C VAL A 228 12.48 -6.81 22.06
N SER A 229 13.34 -7.57 22.72
CA SER A 229 14.78 -7.54 22.42
C SER A 229 15.12 -8.46 21.26
N THR A 230 14.18 -9.33 20.90
CA THR A 230 14.38 -10.23 19.78
C THR A 230 14.28 -9.48 18.46
N GLU A 231 14.65 -10.15 17.36
CA GLU A 231 14.57 -9.55 16.04
C GLU A 231 13.12 -9.21 15.70
N ILE A 232 12.20 -10.10 16.06
CA ILE A 232 10.78 -9.84 15.88
C ILE A 232 10.35 -8.69 16.77
N GLY A 233 10.86 -8.67 18.00
CA GLY A 233 10.53 -7.65 18.96
C GLY A 233 11.00 -6.27 18.54
N LYS A 234 12.18 -6.22 17.93
CA LYS A 234 12.74 -4.96 17.49
C LYS A 234 11.97 -4.41 16.29
N ILE A 235 11.48 -5.31 15.44
CA ILE A 235 10.64 -4.93 14.32
C ILE A 235 9.27 -4.47 14.79
N ARG A 236 8.81 -5.05 15.89
CA ARG A 236 7.52 -4.70 16.48
C ARG A 236 7.56 -3.29 17.06
N ASP A 237 8.65 -2.97 17.75
CA ASP A 237 8.80 -1.66 18.38
C ASP A 237 8.91 -0.55 17.34
N GLN A 238 9.43 -0.89 16.16
CA GLN A 238 9.53 0.06 15.08
C GLN A 238 8.15 0.41 14.53
N MET A 239 7.30 -0.61 14.40
CA MET A 239 5.94 -0.42 13.93
C MET A 239 5.11 0.34 14.95
N ALA A 240 5.30 -0.01 16.22
CA ALA A 240 4.54 0.61 17.30
C ALA A 240 4.91 2.09 17.45
N ALA A 241 6.17 2.42 17.16
CA ALA A 241 6.64 3.79 17.26
C ALA A 241 6.25 4.62 16.04
N THR A 242 6.04 3.93 14.92
CA THR A 242 5.68 4.60 13.67
C THR A 242 4.25 5.13 13.71
N GLU A 243 4.10 6.43 13.48
CA GLU A 243 2.79 7.06 13.43
C GLU A 243 2.39 7.37 11.99
N GLN A 244 1.26 6.81 11.56
CA GLN A 244 0.77 7.02 10.20
C GLN A 244 0.04 8.35 10.06
N ASP A 245 0.45 9.13 9.07
CA ASP A 245 -0.21 10.40 8.78
C ASP A 245 -1.52 10.17 8.04
N LYS A 246 -2.34 11.21 7.96
CA LYS A 246 -3.62 11.12 7.25
C LYS A 246 -3.49 11.67 5.85
N THR A 247 -4.23 11.09 4.91
CA THR A 247 -4.18 11.50 3.52
C THR A 247 -4.44 13.00 3.37
N PRO A 248 -3.75 13.64 2.41
CA PRO A 248 -3.83 15.09 2.20
C PRO A 248 -5.27 15.58 2.05
N LEU A 249 -6.13 14.73 1.49
CA LEU A 249 -7.54 15.07 1.35
C LEU A 249 -8.20 15.22 2.72
N GLN A 250 -7.91 14.30 3.62
CA GLN A 250 -8.47 14.32 4.96
C GLN A 250 -8.05 15.59 5.71
N GLN A 251 -6.85 16.07 5.43
CA GLN A 251 -6.34 17.28 6.07
C GLN A 251 -7.04 18.52 5.52
N LYS A 252 -7.51 18.43 4.29
CA LYS A 252 -8.24 19.52 3.66
C LYS A 252 -9.65 19.62 4.21
N LEU A 253 -10.25 18.47 4.50
CA LEU A 253 -11.60 18.42 5.05
C LEU A 253 -11.62 18.89 6.50
N ASP A 254 -10.56 18.56 7.23
CA ASP A 254 -10.41 19.04 8.60
C ASP A 254 -10.12 20.53 8.58
N GLU A 255 -9.40 20.97 7.56
CA GLU A 255 -9.07 22.38 7.39
C GLU A 255 -10.31 23.17 6.98
N PHE A 256 -11.13 22.57 6.12
CA PHE A 256 -12.37 23.19 5.69
C PHE A 256 -13.36 23.31 6.84
N GLY A 257 -13.32 22.35 7.75
CA GLY A 257 -14.17 22.36 8.92
C GLY A 257 -13.88 23.55 9.81
N GLU A 258 -12.59 23.88 9.93
CA GLU A 258 -12.16 25.01 10.74
C GLU A 258 -12.57 26.33 10.09
N GLN A 259 -12.45 26.39 8.77
CA GLN A 259 -12.85 27.59 8.03
C GLN A 259 -14.37 27.77 8.08
N LEU A 260 -15.09 26.66 7.92
CA LEU A 260 -16.55 26.70 7.90
C LEU A 260 -17.10 27.09 9.27
N SER A 261 -16.33 26.80 10.31
CA SER A 261 -16.72 27.16 11.67
C SER A 261 -16.62 28.67 11.88
N LYS A 262 -15.56 29.27 11.33
CA LYS A 262 -15.38 30.72 11.41
C LYS A 262 -16.48 31.43 10.62
N VAL A 263 -16.88 30.83 9.49
CA VAL A 263 -17.94 31.39 8.66
C VAL A 263 -19.27 31.40 9.40
N ILE A 264 -19.59 30.29 10.04
CA ILE A 264 -20.82 30.18 10.82
C ILE A 264 -20.77 31.11 12.03
N SER A 265 -19.61 31.18 12.68
CA SER A 265 -19.43 32.01 13.86
C SER A 265 -19.48 33.49 13.49
N LEU A 266 -18.97 33.82 12.32
CA LEU A 266 -18.94 35.20 11.86
C LEU A 266 -20.34 35.68 11.47
N ILE A 267 -21.08 34.83 10.77
CA ILE A 267 -22.43 35.17 10.33
C ILE A 267 -23.38 35.33 11.51
N CYS A 268 -23.20 34.51 12.54
CA CYS A 268 -24.02 34.61 13.74
C CYS A 268 -23.82 35.96 14.42
N VAL A 269 -22.60 36.48 14.34
CA VAL A 269 -22.30 37.80 14.88
C VAL A 269 -22.80 38.89 13.95
N ALA A 270 -22.73 38.62 12.65
CA ALA A 270 -23.19 39.56 11.64
C ALA A 270 -24.70 39.76 11.73
N VAL A 271 -25.41 38.66 11.94
CA VAL A 271 -26.86 38.71 12.09
C VAL A 271 -27.24 39.50 13.34
N TRP A 272 -26.42 39.41 14.37
CA TRP A 272 -26.66 40.11 15.62
C TRP A 272 -26.35 41.60 15.49
N LEU A 273 -25.39 41.92 14.62
CA LEU A 273 -25.00 43.30 14.40
C LEU A 273 -25.98 44.04 13.51
N ILE A 274 -26.68 43.31 12.66
CA ILE A 274 -27.70 43.89 11.80
C ILE A 274 -28.92 44.29 12.62
N ASN A 275 -29.24 43.48 13.62
CA ASN A 275 -30.35 43.77 14.53
C ASN A 275 -29.92 44.58 15.74
N ILE A 276 -28.92 45.43 15.55
CA ILE A 276 -28.44 46.29 16.61
C ILE A 276 -29.37 47.48 16.79
N GLY A 277 -30.29 47.64 15.84
CA GLY A 277 -31.25 48.73 15.88
C GLY A 277 -32.35 48.47 16.89
N HIS A 278 -32.48 47.23 17.35
CA HIS A 278 -33.47 46.88 18.35
C HIS A 278 -33.13 47.47 19.71
N PHE A 279 -31.90 47.97 19.85
CA PHE A 279 -31.51 48.70 21.04
C PHE A 279 -32.32 49.99 21.14
N ASN A 280 -32.59 50.58 19.98
CA ASN A 280 -33.42 51.79 19.90
C ASN A 280 -34.90 51.44 19.72
N ASP A 281 -35.41 50.61 20.63
CA ASP A 281 -36.81 50.24 20.63
C ASP A 281 -37.34 50.15 22.05
N PRO A 282 -38.67 50.34 22.22
CA PRO A 282 -39.30 50.35 23.53
C PRO A 282 -39.31 48.98 24.21
N VAL A 283 -39.19 48.96 25.53
CA VAL A 283 -39.27 47.72 26.29
C VAL A 283 -40.72 47.21 26.35
N HIS A 284 -41.66 48.15 26.32
CA HIS A 284 -43.08 47.81 26.33
C HIS A 284 -43.59 47.54 24.91
N GLY A 285 -42.69 47.60 23.94
CA GLY A 285 -43.05 47.32 22.56
C GLY A 285 -43.39 45.85 22.39
N GLY A 286 -42.81 45.01 23.24
CA GLY A 286 -43.06 43.59 23.20
C GLY A 286 -42.19 42.84 24.19
N SER A 287 -42.01 41.55 23.95
CA SER A 287 -41.18 40.72 24.83
C SER A 287 -39.89 40.33 24.12
N TRP A 288 -38.81 40.30 24.89
CA TRP A 288 -37.50 39.92 24.37
C TRP A 288 -37.48 38.43 24.05
N ILE A 289 -38.36 37.68 24.70
CA ILE A 289 -38.41 36.23 24.51
C ILE A 289 -38.83 35.88 23.08
N ARG A 290 -39.61 36.75 22.47
CA ARG A 290 -40.03 36.54 21.08
C ARG A 290 -38.88 36.79 20.12
N GLY A 291 -38.02 37.74 20.48
CA GLY A 291 -36.86 38.06 19.66
C GLY A 291 -35.76 37.03 19.81
N ALA A 292 -35.69 36.41 20.99
CA ALA A 292 -34.69 35.39 21.26
C ALA A 292 -35.00 34.12 20.47
N ILE A 293 -36.27 33.86 20.25
CA ILE A 293 -36.70 32.71 19.45
C ILE A 293 -36.19 32.84 18.02
N TYR A 294 -36.14 34.08 17.54
CA TYR A 294 -35.66 34.34 16.20
C TYR A 294 -34.14 34.16 16.12
N TYR A 295 -33.44 34.66 17.12
CA TYR A 295 -31.98 34.53 17.17
C TYR A 295 -31.55 33.07 17.26
N PHE A 296 -32.23 32.31 18.11
CA PHE A 296 -31.87 30.92 18.34
C PHE A 296 -32.27 30.02 17.17
N LYS A 297 -33.45 30.25 16.60
CA LYS A 297 -33.93 29.41 15.51
C LYS A 297 -33.22 29.75 14.21
N ILE A 298 -32.55 30.90 14.18
CA ILE A 298 -31.76 31.29 13.03
C ILE A 298 -30.38 30.63 13.06
N ALA A 299 -29.74 30.69 14.23
CA ALA A 299 -28.41 30.12 14.40
C ALA A 299 -28.36 28.63 14.08
N VAL A 300 -29.41 27.91 14.47
CA VAL A 300 -29.50 26.49 14.20
C VAL A 300 -29.64 26.25 12.69
N ALA A 301 -30.26 27.20 12.00
CA ALA A 301 -30.42 27.11 10.56
C ALA A 301 -29.08 27.34 9.86
N LEU A 302 -28.28 28.24 10.41
CA LEU A 302 -26.96 28.53 9.87
C LEU A 302 -26.05 27.31 9.94
N ALA A 303 -26.09 26.62 11.07
CA ALA A 303 -25.26 25.44 11.27
C ALA A 303 -25.64 24.33 10.31
N VAL A 304 -26.94 24.17 10.08
CA VAL A 304 -27.45 23.13 9.19
C VAL A 304 -27.23 23.49 7.72
N ALA A 305 -27.29 24.78 7.42
CA ALA A 305 -27.15 25.25 6.05
C ALA A 305 -25.70 25.18 5.57
N ALA A 306 -24.77 25.62 6.41
CA ALA A 306 -23.36 25.68 6.05
C ALA A 306 -22.75 24.29 5.91
N ILE A 307 -23.04 23.43 6.88
CA ILE A 307 -22.47 22.09 6.91
C ILE A 307 -23.07 21.17 5.85
N PRO A 308 -22.21 20.49 5.07
CA PRO A 308 -22.64 19.47 4.12
C PRO A 308 -22.89 18.12 4.79
N GLU A 309 -24.03 17.97 5.47
CA GLU A 309 -24.28 16.78 6.28
C GLU A 309 -24.18 15.47 5.49
N GLY A 310 -24.46 15.53 4.20
CA GLY A 310 -24.48 14.32 3.39
C GLY A 310 -23.13 13.90 2.82
N LEU A 311 -22.15 14.79 2.92
CA LEU A 311 -20.83 14.58 2.33
C LEU A 311 -20.18 13.26 2.74
N PRO A 312 -20.11 12.98 4.05
CA PRO A 312 -19.49 11.74 4.56
C PRO A 312 -20.12 10.48 3.97
N ALA A 313 -21.44 10.47 3.85
CA ALA A 313 -22.15 9.33 3.29
C ALA A 313 -21.85 9.19 1.80
N VAL A 314 -21.64 10.32 1.14
CA VAL A 314 -21.40 10.33 -0.30
C VAL A 314 -20.04 9.74 -0.65
N ILE A 315 -19.03 10.12 0.12
CA ILE A 315 -17.67 9.65 -0.15
C ILE A 315 -17.50 8.21 0.29
N THR A 316 -18.15 7.84 1.38
CA THR A 316 -18.05 6.48 1.91
C THR A 316 -18.65 5.48 0.92
N THR A 317 -19.72 5.90 0.26
CA THR A 317 -20.35 5.06 -0.75
C THR A 317 -19.51 5.02 -2.02
N CYS A 318 -18.93 6.16 -2.38
CA CYS A 318 -18.12 6.28 -3.58
C CYS A 318 -16.82 5.48 -3.46
N LEU A 319 -16.11 5.65 -2.35
CA LEU A 319 -14.86 4.96 -2.13
C LEU A 319 -15.06 3.46 -1.93
N ALA A 320 -16.22 3.09 -1.39
CA ALA A 320 -16.57 1.69 -1.25
C ALA A 320 -16.81 1.07 -2.63
N LEU A 321 -17.47 1.84 -3.50
CA LEU A 321 -17.69 1.42 -4.87
C LEU A 321 -16.41 1.54 -5.68
N GLY A 322 -15.44 2.26 -5.13
CA GLY A 322 -14.13 2.38 -5.76
C GLY A 322 -13.24 1.22 -5.36
N THR A 323 -13.54 0.64 -4.20
CA THR A 323 -12.77 -0.48 -3.70
C THR A 323 -13.01 -1.73 -4.54
N ARG A 324 -14.24 -1.89 -5.02
CA ARG A 324 -14.59 -3.04 -5.85
C ARG A 324 -13.92 -2.96 -7.21
N ARG A 325 -13.72 -1.74 -7.69
CA ARG A 325 -13.00 -1.52 -8.96
C ARG A 325 -11.52 -1.81 -8.79
N MET A 326 -11.00 -1.50 -7.61
CA MET A 326 -9.61 -1.81 -7.28
C MET A 326 -9.38 -3.31 -7.25
N ALA A 327 -10.33 -4.05 -6.66
CA ALA A 327 -10.22 -5.49 -6.53
C ALA A 327 -10.24 -6.18 -7.89
N LYS A 328 -11.07 -5.68 -8.79
CA LYS A 328 -11.19 -6.24 -10.13
C LYS A 328 -9.90 -6.03 -10.92
N LYS A 329 -9.17 -4.97 -10.61
CA LYS A 329 -7.93 -4.65 -11.30
C LYS A 329 -6.71 -5.15 -10.53
N ASN A 330 -6.91 -6.19 -9.72
CA ASN A 330 -5.84 -6.79 -8.94
C ASN A 330 -5.20 -5.80 -7.96
N ALA A 331 -5.99 -5.32 -7.01
CA ALA A 331 -5.50 -4.37 -6.03
C ALA A 331 -6.36 -4.38 -4.76
N ILE A 332 -6.01 -5.24 -3.81
CA ILE A 332 -6.75 -5.33 -2.56
C ILE A 332 -6.40 -4.18 -1.62
N VAL A 333 -7.19 -3.11 -1.68
CA VAL A 333 -6.94 -1.94 -0.85
C VAL A 333 -7.47 -2.16 0.56
N ARG A 334 -6.64 -1.81 1.55
CA ARG A 334 -7.00 -2.01 2.95
C ARG A 334 -8.08 -1.04 3.40
N SER A 335 -7.71 0.22 3.60
CA SER A 335 -8.64 1.23 4.11
C SER A 335 -9.33 1.97 2.97
N LEU A 336 -10.41 2.67 3.30
CA LEU A 336 -11.17 3.44 2.33
C LEU A 336 -10.40 4.67 1.82
N PRO A 337 -9.85 5.48 2.76
CA PRO A 337 -9.11 6.68 2.36
C PRO A 337 -7.90 6.38 1.47
N SER A 338 -7.46 5.13 1.46
CA SER A 338 -6.28 4.74 0.70
C SER A 338 -6.51 4.82 -0.82
N VAL A 339 -7.76 4.65 -1.23
CA VAL A 339 -8.09 4.65 -2.66
C VAL A 339 -7.92 6.04 -3.28
N GLU A 340 -8.12 7.08 -2.47
CA GLU A 340 -8.02 8.45 -2.97
C GLU A 340 -6.57 8.90 -3.01
N THR A 341 -5.86 8.70 -1.90
CA THR A 341 -4.48 9.13 -1.77
C THR A 341 -3.57 8.38 -2.76
N LEU A 342 -4.08 7.26 -3.28
CA LEU A 342 -3.33 6.44 -4.21
C LEU A 342 -3.01 7.20 -5.49
N GLY A 343 -3.90 8.10 -5.87
CA GLY A 343 -3.71 8.92 -7.07
C GLY A 343 -2.66 9.99 -6.86
N CYS A 344 -2.43 10.35 -5.60
CA CYS A 344 -1.46 11.38 -5.27
C CYS A 344 -0.05 10.78 -5.14
N THR A 345 0.08 9.51 -5.49
CA THR A 345 1.37 8.82 -5.40
C THR A 345 2.40 9.46 -6.33
N SER A 346 3.45 10.00 -5.73
CA SER A 346 4.49 10.68 -6.50
C SER A 346 5.73 9.82 -6.68
N VAL A 347 5.92 8.86 -5.79
CA VAL A 347 7.07 7.97 -5.86
C VAL A 347 6.66 6.52 -5.62
N ILE A 348 7.23 5.61 -6.39
CA ILE A 348 6.93 4.19 -6.25
C ILE A 348 8.22 3.36 -6.15
N CYS A 349 8.60 3.02 -4.92
CA CYS A 349 9.74 2.14 -4.69
C CYS A 349 9.32 0.69 -4.79
N SER A 350 9.89 -0.04 -5.74
CA SER A 350 9.47 -1.42 -5.98
C SER A 350 10.64 -2.40 -5.98
N ASP A 351 10.34 -3.65 -5.65
CA ASP A 351 11.34 -4.71 -5.71
C ASP A 351 11.38 -5.30 -7.11
N LYS A 352 12.57 -5.70 -7.55
CA LYS A 352 12.74 -6.22 -8.90
C LYS A 352 12.13 -7.62 -9.03
N THR A 353 12.64 -8.57 -8.25
CA THR A 353 12.23 -9.96 -8.35
C THR A 353 10.77 -10.16 -7.95
N GLY A 354 9.99 -10.71 -8.87
CA GLY A 354 8.59 -11.01 -8.60
C GLY A 354 7.65 -9.91 -9.04
N THR A 355 7.98 -8.67 -8.72
CA THR A 355 7.13 -7.54 -9.07
C THR A 355 7.46 -7.02 -10.47
N LEU A 356 8.70 -6.62 -10.68
CA LEU A 356 9.13 -6.11 -11.99
C LEU A 356 9.46 -7.26 -12.95
N THR A 357 9.84 -8.40 -12.40
CA THR A 357 10.18 -9.56 -13.21
C THR A 357 9.23 -10.72 -12.98
N THR A 358 9.25 -11.69 -13.89
CA THR A 358 8.35 -12.83 -13.82
C THR A 358 8.82 -13.88 -12.81
N ASN A 359 10.08 -13.77 -12.42
CA ASN A 359 10.70 -14.75 -11.53
C ASN A 359 10.78 -16.13 -12.20
N GLN A 360 10.78 -16.13 -13.53
CA GLN A 360 10.93 -17.36 -14.30
C GLN A 360 12.37 -17.49 -14.80
N MET A 361 13.26 -17.88 -13.89
CA MET A 361 14.68 -17.96 -14.19
C MET A 361 14.98 -19.00 -15.27
N SER A 362 15.81 -18.64 -16.23
CA SER A 362 16.19 -19.54 -17.31
C SER A 362 17.55 -19.17 -17.90
N VAL A 363 18.41 -20.16 -18.09
CA VAL A 363 19.73 -19.94 -18.67
C VAL A 363 19.63 -19.65 -20.16
N CYS A 364 20.18 -18.50 -20.57
CA CYS A 364 20.09 -18.06 -21.95
C CYS A 364 21.38 -18.33 -22.73
N LYS A 365 22.51 -18.07 -22.08
CA LYS A 365 23.81 -18.20 -22.73
C LYS A 365 24.82 -18.89 -21.82
N MET A 366 25.91 -19.35 -22.41
CA MET A 366 26.97 -20.05 -21.67
C MET A 366 28.19 -20.21 -22.56
N PHE A 367 29.37 -20.06 -21.98
CA PHE A 367 30.61 -20.19 -22.75
C PHE A 367 31.66 -21.03 -22.02
N ILE A 368 32.52 -21.68 -22.80
CA ILE A 368 33.65 -22.44 -22.27
C ILE A 368 34.90 -22.16 -23.10
N ILE A 369 36.04 -22.63 -22.62
CA ILE A 369 37.31 -22.39 -23.32
C ILE A 369 37.45 -23.30 -24.54
N ASP A 370 37.66 -22.70 -25.70
CA ASP A 370 37.86 -23.45 -26.93
C ASP A 370 39.29 -23.99 -26.98
N LYS A 371 40.25 -23.09 -26.84
CA LYS A 371 41.66 -23.48 -26.79
C LYS A 371 42.54 -22.30 -26.39
N VAL A 372 43.65 -22.58 -25.72
CA VAL A 372 44.58 -21.54 -25.28
C VAL A 372 45.98 -21.81 -25.82
N ASP A 373 46.66 -20.74 -26.23
CA ASP A 373 48.00 -20.86 -26.79
C ASP A 373 48.72 -19.52 -26.79
N GLY A 374 49.49 -19.27 -25.73
CA GLY A 374 50.24 -18.03 -25.60
C GLY A 374 49.33 -16.84 -25.38
N ASP A 375 49.51 -15.80 -26.20
CA ASP A 375 48.71 -14.59 -26.10
C ASP A 375 47.32 -14.81 -26.70
N PHE A 376 47.21 -15.81 -27.57
CA PHE A 376 45.94 -16.11 -28.23
C PHE A 376 44.98 -16.83 -27.29
N CYS A 377 43.69 -16.60 -27.48
CA CYS A 377 42.67 -17.23 -26.65
C CYS A 377 41.30 -17.12 -27.31
N SER A 378 40.57 -18.22 -27.35
CA SER A 378 39.24 -18.25 -27.94
C SER A 378 38.25 -18.99 -27.05
N LEU A 379 37.04 -18.45 -26.95
CA LEU A 379 36.00 -19.06 -26.14
C LEU A 379 35.02 -19.82 -27.03
N ASN A 380 33.97 -20.36 -26.41
CA ASN A 380 32.94 -21.09 -27.15
C ASN A 380 31.55 -20.77 -26.63
N GLU A 381 30.96 -19.69 -27.14
CA GLU A 381 29.65 -19.24 -26.68
C GLU A 381 28.51 -20.08 -27.24
N PHE A 382 27.45 -20.20 -26.46
CA PHE A 382 26.25 -20.91 -26.88
C PHE A 382 25.00 -20.12 -26.49
N SER A 383 23.85 -20.59 -26.95
CA SER A 383 22.59 -19.95 -26.62
C SER A 383 21.49 -21.00 -26.41
N ILE A 384 20.67 -20.79 -25.39
CA ILE A 384 19.61 -21.73 -25.08
C ILE A 384 18.24 -21.14 -25.37
N THR A 385 17.37 -21.94 -25.98
CA THR A 385 16.04 -21.48 -26.33
C THR A 385 14.99 -22.01 -25.36
N GLY A 386 13.99 -21.18 -25.06
CA GLY A 386 12.91 -21.57 -24.18
C GLY A 386 13.01 -20.92 -22.81
N SER A 387 12.39 -19.75 -22.65
CA SER A 387 12.39 -19.04 -21.38
C SER A 387 11.37 -19.64 -20.42
N THR A 388 11.70 -20.81 -19.89
CA THR A 388 10.81 -21.51 -18.98
C THR A 388 11.54 -22.64 -18.27
N TYR A 389 10.92 -23.20 -17.23
CA TYR A 389 11.51 -24.29 -16.50
C TYR A 389 11.36 -25.62 -17.23
N ALA A 390 10.55 -25.63 -18.29
CA ALA A 390 10.36 -26.82 -19.09
C ALA A 390 11.60 -27.12 -19.94
N PRO A 391 11.88 -28.41 -20.16
CA PRO A 391 13.03 -28.85 -20.95
C PRO A 391 12.81 -28.71 -22.46
N GLU A 392 11.65 -28.20 -22.83
CA GLU A 392 11.31 -28.01 -24.24
C GLU A 392 12.13 -26.89 -24.87
N GLY A 393 13.34 -27.23 -25.32
CA GLY A 393 14.22 -26.26 -25.95
C GLY A 393 15.39 -26.94 -26.63
N GLU A 394 16.44 -26.16 -26.91
CA GLU A 394 17.63 -26.69 -27.57
C GLU A 394 18.82 -25.74 -27.45
N VAL A 395 20.02 -26.29 -27.65
CA VAL A 395 21.24 -25.49 -27.60
C VAL A 395 21.76 -25.25 -29.00
N LEU A 396 22.26 -24.04 -29.25
CA LEU A 396 22.76 -23.67 -30.57
C LEU A 396 23.98 -22.75 -30.49
N LYS A 397 24.89 -22.91 -31.44
CA LYS A 397 26.06 -22.04 -31.51
C LYS A 397 26.00 -21.16 -32.75
N ASN A 398 26.02 -19.85 -32.53
CA ASN A 398 25.92 -18.88 -33.61
C ASN A 398 24.61 -19.05 -34.40
N ASP A 399 23.51 -19.17 -33.67
CA ASP A 399 22.19 -19.29 -34.26
C ASP A 399 22.05 -20.55 -35.10
N LYS A 400 22.73 -21.62 -34.67
CA LYS A 400 22.64 -22.91 -35.33
C LYS A 400 22.66 -24.05 -34.31
N PRO A 401 21.65 -24.92 -34.35
CA PRO A 401 21.50 -26.01 -33.38
C PRO A 401 22.66 -27.00 -33.43
N ILE A 402 23.13 -27.42 -32.26
CA ILE A 402 24.25 -28.34 -32.17
C ILE A 402 24.03 -29.39 -31.08
N ARG A 403 24.83 -30.45 -31.12
CA ARG A 403 24.79 -31.48 -30.08
C ARG A 403 25.74 -31.10 -28.96
N SER A 404 25.19 -30.85 -27.78
CA SER A 404 25.99 -30.40 -26.65
C SER A 404 27.00 -31.44 -26.19
N GLY A 405 26.74 -32.70 -26.52
CA GLY A 405 27.60 -33.79 -26.09
C GLY A 405 28.93 -33.84 -26.83
N GLN A 406 29.00 -33.15 -27.97
CA GLN A 406 30.21 -33.18 -28.78
C GLN A 406 31.30 -32.26 -28.24
N PHE A 407 30.95 -31.48 -27.22
CA PHE A 407 31.93 -30.62 -26.56
C PHE A 407 32.23 -31.12 -25.15
N ASP A 408 33.48 -31.53 -24.93
CA ASP A 408 33.89 -32.08 -23.64
C ASP A 408 33.70 -31.08 -22.51
N GLY A 409 33.91 -29.80 -22.82
CA GLY A 409 33.74 -28.75 -21.84
C GLY A 409 32.29 -28.62 -21.39
N LEU A 410 31.37 -28.85 -22.34
CA LEU A 410 29.95 -28.77 -22.03
C LEU A 410 29.47 -29.98 -21.24
N VAL A 411 30.20 -31.09 -21.37
CA VAL A 411 29.85 -32.30 -20.65
C VAL A 411 30.03 -32.08 -19.15
N GLU A 412 31.15 -31.44 -18.78
CA GLU A 412 31.41 -31.13 -17.39
C GLU A 412 30.56 -29.94 -16.94
N LEU A 413 30.18 -29.11 -17.90
CA LEU A 413 29.30 -27.97 -17.64
C LEU A 413 27.98 -28.46 -17.10
N ALA A 414 27.42 -29.48 -17.75
CA ALA A 414 26.15 -30.07 -17.33
C ALA A 414 26.32 -30.90 -16.07
N THR A 415 27.53 -31.44 -15.90
CA THR A 415 27.84 -32.27 -14.74
C THR A 415 27.81 -31.44 -13.47
N ILE A 416 28.43 -30.26 -13.51
CA ILE A 416 28.47 -29.37 -12.35
C ILE A 416 27.09 -28.80 -12.06
N CYS A 417 26.33 -28.49 -13.12
CA CYS A 417 25.01 -27.93 -12.97
C CYS A 417 24.02 -28.94 -12.41
N ALA A 418 24.33 -30.22 -12.58
CA ALA A 418 23.46 -31.29 -12.10
C ALA A 418 23.80 -31.71 -10.67
N LEU A 419 25.09 -31.87 -10.41
CA LEU A 419 25.57 -32.30 -9.09
C LEU A 419 25.45 -31.17 -8.07
N CYS A 420 26.19 -30.09 -8.30
CA CYS A 420 26.14 -28.93 -7.42
C CYS A 420 24.78 -28.24 -7.56
N ASN A 421 23.73 -28.94 -7.11
CA ASN A 421 22.36 -28.47 -7.30
C ASN A 421 21.41 -29.19 -6.35
N ASP A 422 20.76 -28.44 -5.46
CA ASP A 422 19.85 -29.03 -4.49
C ASP A 422 18.41 -29.02 -5.00
N SER A 423 18.17 -28.28 -6.08
CA SER A 423 16.83 -28.15 -6.64
C SER A 423 16.58 -29.20 -7.73
N SER A 424 15.34 -29.24 -8.21
CA SER A 424 14.95 -30.20 -9.25
C SER A 424 13.66 -29.78 -9.93
N LEU A 425 13.31 -30.48 -11.01
CA LEU A 425 12.08 -30.19 -11.75
C LEU A 425 10.99 -31.18 -11.38
N ASP A 426 9.74 -30.76 -11.58
CA ASP A 426 8.58 -31.62 -11.29
C ASP A 426 7.40 -31.25 -12.19
N PHE A 427 6.99 -32.20 -13.03
CA PHE A 427 5.88 -31.97 -13.94
C PHE A 427 4.54 -32.01 -13.22
N ASN A 428 3.74 -30.97 -13.41
CA ASN A 428 2.43 -30.89 -12.79
C ASN A 428 1.33 -31.21 -13.79
N GLU A 429 0.50 -32.19 -13.46
CA GLU A 429 -0.56 -32.64 -14.36
C GLU A 429 -1.79 -31.77 -14.26
N THR A 430 -2.08 -31.28 -13.07
CA THR A 430 -3.25 -30.43 -12.86
C THR A 430 -3.12 -29.11 -13.60
N LYS A 431 -2.00 -28.43 -13.40
CA LYS A 431 -1.72 -27.19 -14.11
C LYS A 431 -1.45 -27.48 -15.59
N GLY A 432 -0.70 -28.55 -15.85
CA GLY A 432 -0.39 -28.94 -17.21
C GLY A 432 0.94 -28.43 -17.70
N VAL A 433 1.83 -28.10 -16.76
CA VAL A 433 3.15 -27.59 -17.11
C VAL A 433 4.19 -27.96 -16.06
N TYR A 434 5.47 -27.75 -16.40
CA TYR A 434 6.56 -28.06 -15.49
C TYR A 434 6.69 -27.01 -14.38
N GLU A 435 6.74 -27.47 -13.14
CA GLU A 435 6.92 -26.58 -12.00
C GLU A 435 8.32 -26.70 -11.41
N LYS A 436 8.69 -25.72 -10.59
CA LYS A 436 10.01 -25.71 -9.97
C LYS A 436 9.98 -26.25 -8.55
N VAL A 437 11.11 -26.78 -8.10
CA VAL A 437 11.22 -27.31 -6.75
C VAL A 437 12.51 -26.82 -6.09
N GLY A 438 12.41 -25.75 -5.34
CA GLY A 438 13.57 -25.16 -4.67
C GLY A 438 13.77 -23.71 -5.06
N GLU A 439 14.99 -23.39 -5.48
CA GLU A 439 15.30 -22.04 -5.93
C GLU A 439 15.03 -21.87 -7.42
N ALA A 440 14.75 -20.64 -7.84
CA ALA A 440 14.57 -20.34 -9.25
C ALA A 440 15.91 -20.43 -9.97
N THR A 441 16.97 -20.06 -9.27
CA THR A 441 18.31 -20.07 -9.83
C THR A 441 18.80 -21.48 -10.13
N GLU A 442 18.65 -22.37 -9.14
CA GLU A 442 19.13 -23.74 -9.27
C GLU A 442 18.26 -24.56 -10.21
N THR A 443 16.96 -24.28 -10.23
CA THR A 443 16.05 -25.00 -11.10
C THR A 443 16.37 -24.73 -12.57
N ALA A 444 16.85 -23.52 -12.84
CA ALA A 444 17.25 -23.14 -14.19
C ALA A 444 18.44 -23.98 -14.65
N LEU A 445 19.35 -24.26 -13.71
CA LEU A 445 20.50 -25.10 -13.99
C LEU A 445 20.07 -26.55 -14.21
N THR A 446 19.04 -26.96 -13.49
CA THR A 446 18.47 -28.30 -13.66
C THR A 446 17.84 -28.42 -15.04
N THR A 447 17.12 -27.38 -15.45
CA THR A 447 16.48 -27.34 -16.76
C THR A 447 17.50 -27.32 -17.88
N LEU A 448 18.61 -26.63 -17.64
CA LEU A 448 19.68 -26.52 -18.63
C LEU A 448 20.26 -27.90 -18.95
N VAL A 449 20.50 -28.68 -17.91
CA VAL A 449 21.06 -30.02 -18.08
C VAL A 449 20.12 -30.89 -18.89
N GLU A 450 18.83 -30.68 -18.72
CA GLU A 450 17.82 -31.44 -19.44
C GLU A 450 17.79 -31.06 -20.91
N LYS A 451 18.10 -29.80 -21.20
CA LYS A 451 18.09 -29.31 -22.58
C LYS A 451 19.35 -29.72 -23.33
N MET A 452 20.49 -29.71 -22.63
CA MET A 452 21.76 -30.04 -23.25
C MET A 452 21.84 -31.51 -23.66
N ASN A 453 21.58 -32.40 -22.70
CA ASN A 453 21.66 -33.84 -22.94
C ASN A 453 23.04 -34.23 -23.43
N VAL A 454 24.04 -34.04 -22.57
CA VAL A 454 25.43 -34.22 -22.95
C VAL A 454 25.80 -35.69 -23.20
N PHE A 455 25.08 -36.60 -22.57
CA PHE A 455 25.38 -38.02 -22.71
C PHE A 455 24.39 -38.73 -23.63
N ASN A 456 23.52 -37.96 -24.28
CA ASN A 456 22.62 -38.48 -25.30
C ASN A 456 21.73 -39.61 -24.79
N THR A 457 20.73 -39.26 -23.99
CA THR A 457 19.78 -40.24 -23.48
C THR A 457 18.52 -40.23 -24.33
N GLU A 458 17.78 -41.33 -24.32
CA GLU A 458 16.50 -41.38 -25.01
C GLU A 458 15.53 -40.38 -24.41
N VAL A 459 14.82 -39.66 -25.26
CA VAL A 459 13.93 -38.61 -24.79
C VAL A 459 12.50 -38.77 -25.33
N ARG A 460 12.39 -39.22 -26.57
CA ARG A 460 11.09 -39.38 -27.18
C ARG A 460 10.33 -40.57 -26.58
N ASN A 461 11.07 -41.58 -26.16
CA ASN A 461 10.48 -42.77 -25.58
C ASN A 461 10.01 -42.55 -24.14
N LEU A 462 10.62 -41.57 -23.48
CA LEU A 462 10.30 -41.27 -22.09
C LEU A 462 8.93 -40.62 -21.96
N SER A 463 8.35 -40.71 -20.76
CA SER A 463 7.07 -40.08 -20.48
C SER A 463 7.26 -38.62 -20.09
N LYS A 464 6.17 -37.95 -19.77
CA LYS A 464 6.22 -36.53 -19.41
C LYS A 464 6.86 -36.34 -18.03
N VAL A 465 6.70 -37.33 -17.17
CA VAL A 465 7.25 -37.27 -15.82
C VAL A 465 8.70 -37.71 -15.77
N GLU A 466 9.02 -38.76 -16.52
CA GLU A 466 10.39 -39.26 -16.59
C GLU A 466 11.31 -38.23 -17.25
N ARG A 467 10.73 -37.37 -18.07
CA ARG A 467 11.48 -36.34 -18.78
C ARG A 467 11.98 -35.25 -17.82
N ALA A 468 11.30 -35.12 -16.69
CA ALA A 468 11.62 -34.09 -15.70
C ALA A 468 13.08 -34.17 -15.24
N ASN A 469 13.45 -35.29 -14.63
CA ASN A 469 14.81 -35.47 -14.14
C ASN A 469 15.51 -36.65 -14.83
N ALA A 470 15.67 -36.55 -16.14
CA ALA A 470 16.28 -37.61 -16.93
C ALA A 470 17.79 -37.41 -17.04
N CYS A 471 18.19 -36.30 -17.63
CA CYS A 471 19.60 -36.00 -17.84
C CYS A 471 20.33 -35.77 -16.52
N ASN A 472 19.64 -35.14 -15.57
CA ASN A 472 20.23 -34.89 -14.26
C ASN A 472 20.48 -36.18 -13.49
N SER A 473 19.59 -37.16 -13.65
CA SER A 473 19.73 -38.45 -12.99
C SER A 473 20.88 -39.26 -13.60
N VAL A 474 21.09 -39.09 -14.90
CA VAL A 474 22.18 -39.78 -15.60
C VAL A 474 23.53 -39.30 -15.09
N ILE A 475 23.60 -38.02 -14.74
CA ILE A 475 24.82 -37.45 -14.18
C ILE A 475 25.08 -38.01 -12.78
N ARG A 476 24.00 -38.23 -12.04
CA ARG A 476 24.09 -38.72 -10.67
C ARG A 476 24.51 -40.19 -10.63
N GLN A 477 24.42 -40.86 -11.77
CA GLN A 477 24.86 -42.24 -11.89
C GLN A 477 26.38 -42.33 -11.93
N LEU A 478 27.01 -41.31 -12.51
CA LEU A 478 28.47 -41.27 -12.61
C LEU A 478 29.11 -40.94 -11.27
N MET A 479 28.76 -39.79 -10.70
CA MET A 479 29.36 -39.33 -9.46
C MET A 479 28.42 -39.49 -8.27
N LYS A 480 29.00 -39.75 -7.10
CA LYS A 480 28.23 -39.87 -5.87
C LYS A 480 28.36 -38.60 -5.03
N LYS A 481 27.22 -38.03 -4.68
CA LYS A 481 27.19 -36.78 -3.92
C LYS A 481 27.53 -37.03 -2.44
N GLU A 482 28.80 -36.90 -2.10
CA GLU A 482 29.26 -37.11 -0.74
C GLU A 482 28.68 -36.09 0.23
N PHE A 483 29.02 -34.82 0.01
CA PHE A 483 28.51 -33.73 0.85
C PHE A 483 28.64 -32.39 0.14
N THR A 484 27.88 -31.40 0.61
CA THR A 484 27.90 -30.08 -0.01
C THR A 484 28.31 -28.99 0.98
N LEU A 485 29.13 -28.06 0.51
CA LEU A 485 29.51 -26.91 1.32
C LEU A 485 28.50 -25.79 1.10
N GLU A 486 27.78 -25.43 2.16
CA GLU A 486 26.68 -24.48 2.07
C GLU A 486 27.10 -23.14 1.47
N PHE A 487 26.14 -22.45 0.88
CA PHE A 487 26.38 -21.13 0.30
C PHE A 487 26.49 -20.06 1.39
N SER A 488 27.36 -19.08 1.18
CA SER A 488 27.52 -18.00 2.14
C SER A 488 27.87 -16.69 1.43
N ARG A 489 27.52 -15.57 2.06
CA ARG A 489 27.75 -14.26 1.46
C ARG A 489 29.19 -13.79 1.60
N ASP A 490 29.99 -14.54 2.36
CA ASP A 490 31.38 -14.20 2.56
C ASP A 490 32.23 -14.56 1.35
N ARG A 491 31.91 -15.66 0.69
CA ARG A 491 32.63 -16.08 -0.50
C ARG A 491 31.73 -16.09 -1.73
N LYS A 492 30.42 -16.16 -1.50
CA LYS A 492 29.44 -16.12 -2.59
C LYS A 492 29.65 -17.25 -3.59
N SER A 493 29.58 -18.49 -3.09
CA SER A 493 29.73 -19.67 -3.95
C SER A 493 29.25 -20.94 -3.26
N MET A 494 29.22 -22.03 -4.01
CA MET A 494 28.81 -23.32 -3.48
C MET A 494 29.56 -24.46 -4.15
N SER A 495 30.04 -25.40 -3.35
CA SER A 495 30.77 -26.55 -3.89
C SER A 495 30.15 -27.86 -3.41
N VAL A 496 30.53 -28.95 -4.05
CA VAL A 496 30.03 -30.26 -3.66
C VAL A 496 31.10 -31.34 -3.85
N TYR A 497 31.45 -32.03 -2.78
CA TYR A 497 32.42 -33.11 -2.82
C TYR A 497 31.79 -34.36 -3.40
N CYS A 498 32.42 -34.92 -4.43
CA CYS A 498 31.85 -36.06 -5.13
C CYS A 498 32.84 -37.20 -5.33
N SER A 499 32.36 -38.42 -5.20
CA SER A 499 33.16 -39.61 -5.44
C SER A 499 32.57 -40.43 -6.58
N PRO A 500 33.43 -41.03 -7.41
CA PRO A 500 32.98 -41.82 -8.56
C PRO A 500 32.36 -43.16 -8.15
N ALA A 501 31.39 -43.63 -8.93
CA ALA A 501 30.74 -44.91 -8.65
C ALA A 501 31.69 -46.06 -8.95
N LYS A 502 31.35 -47.24 -8.46
CA LYS A 502 32.17 -48.43 -8.66
C LYS A 502 32.07 -48.93 -10.10
N SER A 503 32.87 -48.32 -10.99
CA SER A 503 32.86 -48.70 -12.40
C SER A 503 34.12 -48.23 -13.13
N SER A 504 34.96 -47.48 -12.42
CA SER A 504 36.21 -46.96 -12.98
C SER A 504 35.97 -46.13 -14.23
N ARG A 505 35.57 -44.88 -14.04
CA ARG A 505 35.26 -43.99 -15.15
C ARG A 505 36.40 -43.00 -15.42
N ALA A 506 37.63 -43.43 -15.19
CA ALA A 506 38.80 -42.59 -15.43
C ALA A 506 38.76 -41.32 -14.59
N ALA A 507 38.36 -41.45 -13.33
CA ALA A 507 38.27 -40.31 -12.43
C ALA A 507 39.47 -40.26 -11.48
N VAL A 508 40.07 -39.08 -11.38
CA VAL A 508 41.22 -38.89 -10.50
C VAL A 508 40.78 -38.76 -9.04
N GLY A 509 40.56 -39.90 -8.39
CA GLY A 509 40.11 -39.92 -7.01
C GLY A 509 38.74 -39.30 -6.85
N ASN A 510 38.67 -38.24 -6.04
CA ASN A 510 37.42 -37.53 -5.82
C ASN A 510 37.48 -36.11 -6.36
N LYS A 511 36.33 -35.50 -6.56
CA LYS A 511 36.27 -34.17 -7.17
C LYS A 511 35.40 -33.20 -6.38
N MET A 512 35.65 -31.91 -6.55
CA MET A 512 34.81 -30.87 -5.99
C MET A 512 34.33 -29.94 -7.09
N PHE A 513 33.02 -29.77 -7.20
CA PHE A 513 32.44 -28.94 -8.25
C PHE A 513 31.90 -27.63 -7.69
N VAL A 514 32.60 -26.54 -8.02
CA VAL A 514 32.28 -25.22 -7.49
C VAL A 514 31.25 -24.49 -8.33
N LYS A 515 30.44 -23.66 -7.68
CA LYS A 515 29.44 -22.84 -8.36
C LYS A 515 29.15 -21.58 -7.55
N GLY A 516 29.32 -20.42 -8.18
CA GLY A 516 29.08 -19.16 -7.50
C GLY A 516 29.35 -17.92 -8.33
N ALA A 517 29.57 -16.81 -7.65
CA ALA A 517 29.81 -15.53 -8.31
C ALA A 517 31.11 -15.57 -9.12
N PRO A 518 31.08 -15.00 -10.34
CA PRO A 518 32.19 -15.00 -11.29
C PRO A 518 33.50 -14.48 -10.71
N GLU A 519 33.53 -13.23 -10.25
CA GLU A 519 34.75 -12.61 -9.78
C GLU A 519 35.38 -13.38 -8.61
N GLY A 520 34.53 -13.98 -7.79
CA GLY A 520 35.01 -14.72 -6.64
C GLY A 520 35.62 -16.06 -7.01
N VAL A 521 34.98 -16.75 -7.95
CA VAL A 521 35.43 -18.07 -8.38
C VAL A 521 36.64 -18.01 -9.30
N ILE A 522 36.62 -17.06 -10.24
CA ILE A 522 37.69 -16.92 -11.22
C ILE A 522 39.03 -16.63 -10.54
N ASP A 523 38.99 -15.87 -9.45
CA ASP A 523 40.19 -15.52 -8.72
C ASP A 523 40.82 -16.73 -8.03
N ARG A 524 39.98 -17.64 -7.57
CA ARG A 524 40.45 -18.83 -6.87
C ARG A 524 40.84 -19.93 -7.85
N CYS A 525 40.68 -19.66 -9.14
CA CYS A 525 41.07 -20.63 -10.17
C CYS A 525 42.51 -20.41 -10.59
N ASN A 526 43.34 -21.43 -10.38
CA ASN A 526 44.72 -21.38 -10.84
C ASN A 526 44.89 -22.16 -12.14
N TYR A 527 43.83 -22.84 -12.57
CA TYR A 527 43.88 -23.61 -13.80
C TYR A 527 42.68 -23.31 -14.68
N VAL A 528 42.72 -23.78 -15.92
CA VAL A 528 41.64 -23.58 -16.87
C VAL A 528 41.38 -24.84 -17.68
N ARG A 529 40.10 -25.23 -17.77
CA ARG A 529 39.73 -26.41 -18.52
C ARG A 529 39.65 -26.13 -20.01
N VAL A 530 40.11 -27.09 -20.81
CA VAL A 530 40.02 -26.98 -22.26
C VAL A 530 39.53 -28.31 -22.83
N GLY A 531 38.23 -28.56 -22.67
CA GLY A 531 37.66 -29.83 -23.06
C GLY A 531 38.09 -30.93 -22.11
N THR A 532 39.18 -31.60 -22.45
CA THR A 532 39.71 -32.66 -21.59
C THR A 532 41.01 -32.23 -20.93
N THR A 533 41.84 -31.50 -21.68
CA THR A 533 43.14 -31.06 -21.19
C THR A 533 43.02 -29.90 -20.20
N ARG A 534 44.13 -29.53 -19.57
CA ARG A 534 44.15 -28.43 -18.63
C ARG A 534 45.40 -27.56 -18.82
N VAL A 535 45.22 -26.26 -18.64
CA VAL A 535 46.33 -25.31 -18.72
C VAL A 535 46.28 -24.33 -17.55
N PRO A 536 47.41 -23.70 -17.23
CA PRO A 536 47.48 -22.74 -16.14
C PRO A 536 46.70 -21.46 -16.44
N MET A 537 46.07 -20.88 -15.42
CA MET A 537 45.30 -19.65 -15.58
C MET A 537 46.22 -18.47 -15.89
N THR A 538 46.37 -18.15 -17.17
CA THR A 538 47.21 -17.03 -17.58
C THR A 538 46.44 -15.72 -17.54
N GLY A 539 47.14 -14.61 -17.72
CA GLY A 539 46.54 -13.30 -17.71
C GLY A 539 45.54 -13.06 -18.82
N PRO A 540 45.98 -13.19 -20.08
CA PRO A 540 45.14 -13.00 -21.27
C PRO A 540 43.84 -13.79 -21.22
N VAL A 541 43.88 -15.00 -20.68
CA VAL A 541 42.69 -15.84 -20.59
C VAL A 541 41.70 -15.28 -19.56
N LYS A 542 42.23 -14.85 -18.42
CA LYS A 542 41.40 -14.30 -17.36
C LYS A 542 40.70 -13.01 -17.81
N GLU A 543 41.33 -12.30 -18.74
CA GLU A 543 40.76 -11.09 -19.29
C GLU A 543 39.53 -11.40 -20.14
N LYS A 544 39.63 -12.41 -20.98
CA LYS A 544 38.54 -12.83 -21.84
C LYS A 544 37.34 -13.32 -21.03
N ILE A 545 37.63 -14.00 -19.92
CA ILE A 545 36.58 -14.56 -19.07
C ILE A 545 35.73 -13.45 -18.46
N LEU A 546 36.39 -12.50 -17.78
CA LEU A 546 35.68 -11.44 -17.09
C LEU A 546 35.09 -10.41 -18.05
N SER A 547 35.69 -10.32 -19.25
CA SER A 547 35.20 -9.40 -20.26
C SER A 547 33.84 -9.84 -20.81
N VAL A 548 33.71 -11.13 -21.09
CA VAL A 548 32.45 -11.67 -21.58
C VAL A 548 31.39 -11.61 -20.49
N ILE A 549 31.81 -11.85 -19.24
CA ILE A 549 30.90 -11.76 -18.11
C ILE A 549 30.46 -10.33 -17.90
N LYS A 550 31.35 -9.38 -18.18
CA LYS A 550 31.04 -7.96 -18.07
C LYS A 550 30.06 -7.54 -19.17
N GLU A 551 30.26 -8.10 -20.36
CA GLU A 551 29.42 -7.78 -21.51
C GLU A 551 28.00 -8.32 -21.34
N TRP A 552 27.89 -9.50 -20.74
CA TRP A 552 26.59 -10.15 -20.55
C TRP A 552 25.77 -9.46 -19.48
N GLY A 553 26.44 -8.97 -18.44
CA GLY A 553 25.76 -8.32 -17.33
C GLY A 553 25.43 -6.86 -17.59
N THR A 554 26.36 -6.15 -18.21
CA THR A 554 26.19 -4.73 -18.50
C THR A 554 25.37 -4.51 -19.77
N GLY A 555 25.47 -5.45 -20.71
CA GLY A 555 24.79 -5.33 -21.98
C GLY A 555 23.28 -5.38 -21.90
N ARG A 556 22.63 -5.35 -23.06
CA ARG A 556 21.17 -5.36 -23.13
C ARG A 556 20.60 -6.71 -22.69
N ASP A 557 21.46 -7.74 -22.68
CA ASP A 557 21.04 -9.07 -22.25
C ASP A 557 20.64 -9.08 -20.78
N THR A 558 21.38 -8.32 -19.97
CA THR A 558 21.14 -8.22 -18.53
C THR A 558 21.06 -9.60 -17.88
N LEU A 559 22.13 -10.38 -18.04
CA LEU A 559 22.16 -11.75 -17.53
C LEU A 559 22.81 -11.86 -16.16
N ARG A 560 22.34 -12.80 -15.36
CA ARG A 560 22.94 -13.09 -14.06
C ARG A 560 23.99 -14.18 -14.22
N CYS A 561 25.22 -13.78 -14.51
CA CYS A 561 26.30 -14.73 -14.79
C CYS A 561 26.64 -15.58 -13.56
N LEU A 562 27.12 -16.80 -13.81
CA LEU A 562 27.46 -17.74 -12.75
C LEU A 562 28.63 -18.61 -13.19
N ALA A 563 29.79 -18.38 -12.59
CA ALA A 563 31.01 -19.11 -12.96
C ALA A 563 31.02 -20.52 -12.37
N LEU A 564 31.41 -21.49 -13.21
CA LEU A 564 31.47 -22.88 -12.79
C LEU A 564 32.91 -23.41 -12.85
N ALA A 565 33.45 -23.82 -11.71
CA ALA A 565 34.81 -24.34 -11.65
C ALA A 565 34.84 -25.70 -10.96
N THR A 566 35.96 -26.41 -11.10
CA THR A 566 36.09 -27.73 -10.52
C THR A 566 37.46 -27.93 -9.87
N ARG A 567 37.48 -28.62 -8.73
CA ARG A 567 38.72 -28.91 -8.03
C ARG A 567 39.16 -30.34 -8.34
N ASP A 568 40.21 -30.47 -9.13
CA ASP A 568 40.67 -31.76 -9.60
C ASP A 568 41.36 -32.56 -8.50
N THR A 569 42.11 -31.86 -7.65
CA THR A 569 42.83 -32.51 -6.56
C THR A 569 42.42 -31.92 -5.22
N PRO A 570 41.19 -32.26 -4.76
CA PRO A 570 40.68 -31.77 -3.48
C PRO A 570 41.31 -32.49 -2.30
N PRO A 571 41.23 -31.88 -1.10
CA PRO A 571 41.77 -32.49 0.11
C PRO A 571 41.02 -33.77 0.47
N LYS A 572 41.63 -34.62 1.30
CA LYS A 572 41.01 -35.88 1.69
C LYS A 572 39.78 -35.66 2.55
N ARG A 573 38.91 -36.67 2.63
CA ARG A 573 37.67 -36.59 3.38
C ARG A 573 37.90 -36.29 4.86
N GLU A 574 39.07 -36.70 5.37
CA GLU A 574 39.37 -36.56 6.79
C GLU A 574 39.91 -35.18 7.12
N GLU A 575 40.75 -34.64 6.24
CA GLU A 575 41.41 -33.37 6.48
C GLU A 575 40.43 -32.19 6.50
N MET A 576 39.32 -32.34 5.78
CA MET A 576 38.33 -31.27 5.68
C MET A 576 37.46 -31.19 6.92
N VAL A 577 37.48 -30.04 7.57
CA VAL A 577 36.61 -29.78 8.72
C VAL A 577 35.22 -29.38 8.21
N LEU A 578 34.27 -30.29 8.36
CA LEU A 578 32.95 -30.12 7.75
C LEU A 578 32.05 -29.12 8.50
N ASP A 579 32.42 -28.79 9.74
CA ASP A 579 31.59 -27.89 10.56
C ASP A 579 31.99 -26.43 10.38
N ASP A 580 33.27 -26.18 10.18
CA ASP A 580 33.79 -24.83 10.00
C ASP A 580 33.36 -24.25 8.66
N SER A 581 32.44 -23.28 8.69
CA SER A 581 31.92 -22.67 7.48
C SER A 581 32.92 -21.69 6.86
N SER A 582 33.86 -21.22 7.67
CA SER A 582 34.86 -20.26 7.22
C SER A 582 35.93 -20.93 6.36
N ARG A 583 36.19 -22.21 6.63
CA ARG A 583 37.22 -22.95 5.92
C ARG A 583 36.74 -23.44 4.56
N PHE A 584 35.45 -23.26 4.28
CA PHE A 584 34.88 -23.71 3.01
C PHE A 584 35.52 -23.01 1.82
N MET A 585 35.86 -21.73 1.99
CA MET A 585 36.46 -20.97 0.92
C MET A 585 37.87 -21.49 0.60
N GLU A 586 38.60 -21.87 1.65
CA GLU A 586 39.94 -22.40 1.48
C GLU A 586 39.90 -23.76 0.78
N TYR A 587 38.82 -24.51 1.02
CA TYR A 587 38.63 -25.81 0.39
C TYR A 587 38.29 -25.64 -1.09
N GLU A 588 37.71 -24.49 -1.41
CA GLU A 588 37.34 -24.18 -2.79
C GLU A 588 38.42 -23.33 -3.46
N THR A 589 39.67 -23.79 -3.36
CA THR A 589 40.79 -23.08 -3.97
C THR A 589 41.53 -24.00 -4.95
N ASP A 590 42.49 -23.43 -5.68
CA ASP A 590 43.24 -24.17 -6.68
C ASP A 590 42.30 -24.84 -7.67
N LEU A 591 41.31 -24.08 -8.13
CA LEU A 591 40.26 -24.61 -8.98
C LEU A 591 40.61 -24.56 -10.46
N THR A 592 39.86 -25.31 -11.26
CA THR A 592 40.01 -25.30 -12.71
C THR A 592 38.75 -24.75 -13.35
N PHE A 593 38.87 -23.62 -14.03
CA PHE A 593 37.71 -22.98 -14.64
C PHE A 593 37.13 -23.85 -15.75
N VAL A 594 35.84 -24.17 -15.62
CA VAL A 594 35.15 -24.98 -16.63
C VAL A 594 34.37 -24.10 -17.60
N GLY A 595 33.49 -23.26 -17.07
CA GLY A 595 32.70 -22.38 -17.90
C GLY A 595 31.72 -21.52 -17.12
N VAL A 596 31.07 -20.60 -17.82
CA VAL A 596 30.10 -19.69 -17.20
C VAL A 596 28.73 -19.85 -17.85
N VAL A 597 27.67 -19.70 -17.06
CA VAL A 597 26.31 -19.75 -17.58
C VAL A 597 25.56 -18.48 -17.22
N GLY A 598 24.93 -17.88 -18.22
CA GLY A 598 24.19 -16.64 -18.02
C GLY A 598 22.69 -16.84 -18.10
N MET A 599 22.00 -16.52 -17.02
CA MET A 599 20.56 -16.66 -16.97
C MET A 599 19.88 -15.30 -16.84
N LEU A 600 18.60 -15.25 -17.22
CA LEU A 600 17.85 -14.00 -17.18
C LEU A 600 16.58 -14.13 -16.35
N ASP A 601 16.30 -13.09 -15.55
CA ASP A 601 15.03 -12.98 -14.86
C ASP A 601 14.15 -12.01 -15.63
N PRO A 602 13.35 -12.55 -16.57
CA PRO A 602 12.58 -11.79 -17.54
C PRO A 602 11.66 -10.74 -16.90
N PRO A 603 11.79 -9.48 -17.33
CA PRO A 603 10.92 -8.40 -16.87
C PRO A 603 9.45 -8.70 -17.18
N ARG A 604 8.54 -8.07 -16.44
CA ARG A 604 7.12 -8.26 -16.66
C ARG A 604 6.72 -7.92 -18.09
N LYS A 605 5.61 -8.50 -18.54
CA LYS A 605 5.17 -8.32 -19.92
C LYS A 605 4.60 -6.93 -20.16
N GLU A 606 4.23 -6.23 -19.09
CA GLU A 606 3.55 -4.94 -19.23
C GLU A 606 4.30 -3.80 -18.55
N VAL A 607 5.44 -4.10 -17.93
CA VAL A 607 6.19 -3.07 -17.21
C VAL A 607 6.81 -2.04 -18.15
N MET A 608 7.01 -2.43 -19.40
CA MET A 608 7.56 -1.53 -20.40
C MET A 608 6.65 -0.30 -20.58
N GLY A 609 5.35 -0.55 -20.62
CA GLY A 609 4.38 0.53 -20.77
C GLY A 609 4.02 1.18 -19.44
N SER A 610 4.00 0.37 -18.39
CA SER A 610 3.66 0.87 -17.05
C SER A 610 4.71 1.88 -16.57
N ILE A 611 5.98 1.57 -16.81
CA ILE A 611 7.06 2.48 -16.45
C ILE A 611 6.96 3.78 -17.24
N GLN A 612 6.75 3.64 -18.55
CA GLN A 612 6.58 4.79 -19.43
C GLN A 612 5.33 5.57 -19.06
N LEU A 613 4.35 4.87 -18.50
CA LEU A 613 3.10 5.49 -18.07
C LEU A 613 3.36 6.41 -16.88
N CYS A 614 4.33 6.04 -16.05
CA CYS A 614 4.70 6.84 -14.89
C CYS A 614 5.53 8.05 -15.31
N ARG A 615 6.28 7.89 -16.40
CA ARG A 615 7.07 8.99 -16.94
C ARG A 615 6.18 10.16 -17.32
N ASP A 616 5.05 9.84 -17.95
CA ASP A 616 4.08 10.85 -18.35
C ASP A 616 3.30 11.37 -17.16
N ALA A 617 3.00 10.48 -16.21
CA ALA A 617 2.22 10.82 -15.04
C ALA A 617 3.05 11.57 -14.01
N GLY A 618 4.34 11.74 -14.29
CA GLY A 618 5.23 12.47 -13.42
C GLY A 618 5.55 11.75 -12.13
N ILE A 619 5.30 10.44 -12.11
CA ILE A 619 5.59 9.62 -10.93
C ILE A 619 6.99 9.02 -11.03
N ARG A 620 7.79 9.21 -9.98
CA ARG A 620 9.15 8.70 -9.97
C ARG A 620 9.18 7.23 -9.55
N VAL A 621 9.90 6.41 -10.31
CA VAL A 621 10.00 4.99 -10.01
C VAL A 621 11.41 4.62 -9.58
N ILE A 622 11.53 4.02 -8.40
CA ILE A 622 12.83 3.59 -7.87
C ILE A 622 12.88 2.08 -7.73
N MET A 623 13.91 1.47 -8.30
CA MET A 623 14.05 0.02 -8.24
C MET A 623 14.94 -0.43 -7.08
N ILE A 624 14.47 -1.43 -6.36
CA ILE A 624 15.27 -2.06 -5.31
C ILE A 624 15.55 -3.51 -5.69
N THR A 625 16.82 -3.86 -5.78
CA THR A 625 17.20 -5.19 -6.25
C THR A 625 18.40 -5.76 -5.49
N GLY A 626 18.65 -7.05 -5.69
CA GLY A 626 19.76 -7.73 -5.06
C GLY A 626 20.93 -7.92 -6.01
N ASP A 627 20.72 -7.55 -7.26
CA ASP A 627 21.77 -7.65 -8.27
C ASP A 627 22.84 -6.60 -8.01
N ASN A 628 24.01 -6.79 -8.61
CA ASN A 628 25.09 -5.82 -8.47
C ASN A 628 24.73 -4.51 -9.16
N LYS A 629 25.48 -3.45 -8.86
CA LYS A 629 25.20 -2.13 -9.37
C LYS A 629 25.24 -2.08 -10.90
N GLY A 630 26.21 -2.80 -11.48
CA GLY A 630 26.37 -2.82 -12.93
C GLY A 630 25.18 -3.41 -13.64
N THR A 631 24.71 -4.56 -13.16
CA THR A 631 23.57 -5.24 -13.77
C THR A 631 22.25 -4.58 -13.40
N ALA A 632 22.18 -4.08 -12.17
CA ALA A 632 20.98 -3.38 -11.70
C ALA A 632 20.71 -2.16 -12.56
N ILE A 633 21.77 -1.45 -12.94
CA ILE A 633 21.66 -0.29 -13.82
C ILE A 633 21.24 -0.72 -15.21
N ALA A 634 21.82 -1.81 -15.68
CA ALA A 634 21.50 -2.35 -17.00
C ALA A 634 20.04 -2.77 -17.09
N ILE A 635 19.53 -3.32 -16.00
CA ILE A 635 18.13 -3.73 -15.93
C ILE A 635 17.21 -2.52 -15.91
N CYS A 636 17.65 -1.47 -15.23
CA CYS A 636 16.88 -0.24 -15.18
C CYS A 636 16.79 0.41 -16.57
N ARG A 637 17.88 0.34 -17.33
CA ARG A 637 17.89 0.88 -18.68
C ARG A 637 16.94 0.11 -19.58
N ARG A 638 16.80 -1.19 -19.31
CA ARG A 638 16.03 -2.07 -20.16
C ARG A 638 14.52 -1.87 -20.00
N ILE A 639 14.05 -1.77 -18.76
CA ILE A 639 12.62 -1.67 -18.50
C ILE A 639 12.08 -0.27 -18.74
N GLY A 640 12.91 0.74 -18.53
CA GLY A 640 12.53 2.11 -18.83
C GLY A 640 12.84 3.15 -17.77
N ILE A 641 13.28 2.70 -16.60
CA ILE A 641 13.63 3.62 -15.52
C ILE A 641 14.76 4.55 -15.96
N PHE A 642 15.72 3.99 -16.69
CA PHE A 642 16.79 4.77 -17.28
C PHE A 642 16.72 4.71 -18.80
N GLY A 643 17.32 5.70 -19.46
CA GLY A 643 17.43 5.68 -20.90
C GLY A 643 18.54 4.72 -21.31
N GLU A 644 18.59 4.38 -22.59
CA GLU A 644 19.61 3.45 -23.06
C GLU A 644 21.00 4.08 -22.99
N ASN A 645 21.07 5.39 -23.20
CA ASN A 645 22.34 6.10 -23.19
C ASN A 645 22.28 7.44 -22.45
N GLU A 646 22.17 7.37 -21.12
CA GLU A 646 22.22 8.56 -20.29
C GLU A 646 23.12 8.33 -19.08
N GLU A 647 23.51 9.42 -18.43
CA GLU A 647 24.39 9.33 -17.27
C GLU A 647 23.60 9.05 -15.99
N VAL A 648 24.01 8.02 -15.26
CA VAL A 648 23.29 7.62 -14.04
C VAL A 648 24.26 7.20 -12.94
N ALA A 649 25.37 7.90 -12.83
CA ALA A 649 26.37 7.59 -11.82
C ALA A 649 25.88 7.94 -10.42
N ASP A 650 25.18 9.06 -10.32
CA ASP A 650 24.68 9.53 -9.03
C ASP A 650 23.19 9.25 -8.88
N ARG A 651 22.59 8.64 -9.89
CA ARG A 651 21.18 8.30 -9.86
C ARG A 651 20.97 6.85 -9.44
N ALA A 652 22.05 6.19 -9.05
CA ALA A 652 21.98 4.81 -8.60
C ALA A 652 23.07 4.50 -7.59
N TYR A 653 22.72 3.76 -6.54
CA TYR A 653 23.67 3.43 -5.50
C TYR A 653 23.55 1.98 -5.05
N THR A 654 24.56 1.50 -4.33
CA THR A 654 24.50 0.20 -3.69
C THR A 654 24.20 0.38 -2.20
N GLY A 655 24.10 -0.73 -1.49
CA GLY A 655 23.90 -0.66 -0.05
C GLY A 655 25.16 -0.15 0.64
N ARG A 656 26.30 -0.59 0.14
CA ARG A 656 27.59 -0.19 0.68
C ARG A 656 27.85 1.29 0.44
N GLU A 657 27.57 1.74 -0.78
CA GLU A 657 27.83 3.14 -1.16
C GLU A 657 26.95 4.12 -0.40
N PHE A 658 25.65 3.87 -0.42
CA PHE A 658 24.69 4.76 0.22
C PHE A 658 24.94 4.88 1.73
N ASP A 659 25.37 3.78 2.34
CA ASP A 659 25.61 3.75 3.78
C ASP A 659 26.86 4.57 4.13
N ASP A 660 27.82 4.61 3.21
CA ASP A 660 29.07 5.34 3.43
C ASP A 660 28.88 6.85 3.32
N LEU A 661 27.86 7.26 2.58
CA LEU A 661 27.56 8.69 2.42
C LEU A 661 27.12 9.31 3.74
N PRO A 662 27.43 10.59 3.95
CA PRO A 662 26.99 11.33 5.14
C PRO A 662 25.47 11.51 5.18
N LEU A 663 24.94 11.84 6.34
CA LEU A 663 23.49 11.95 6.53
C LEU A 663 22.86 12.97 5.59
N ALA A 664 23.57 14.04 5.29
CA ALA A 664 23.05 15.09 4.42
C ALA A 664 23.02 14.64 2.96
N GLU A 665 24.07 13.94 2.53
CA GLU A 665 24.17 13.49 1.15
C GLU A 665 23.28 12.29 0.88
N GLN A 666 22.94 11.56 1.94
CA GLN A 666 21.99 10.45 1.83
C GLN A 666 20.62 10.99 1.46
N ARG A 667 20.24 12.09 2.10
CA ARG A 667 18.98 12.77 1.81
C ARG A 667 19.01 13.39 0.42
N GLU A 668 20.18 13.90 0.04
CA GLU A 668 20.37 14.50 -1.27
C GLU A 668 20.34 13.45 -2.37
N ALA A 669 20.69 12.22 -2.01
CA ALA A 669 20.73 11.12 -2.98
C ALA A 669 19.35 10.56 -3.25
N CYS A 670 18.48 10.61 -2.24
CA CYS A 670 17.15 10.01 -2.33
C CYS A 670 16.19 10.81 -3.22
N ARG A 671 16.52 12.07 -3.47
CA ARG A 671 15.67 12.92 -4.29
C ARG A 671 15.98 12.78 -5.77
N ARG A 672 17.03 12.03 -6.09
CA ARG A 672 17.43 11.84 -7.48
C ARG A 672 17.72 10.38 -7.82
N ALA A 673 17.85 9.54 -6.79
CA ALA A 673 18.14 8.13 -6.99
C ALA A 673 16.93 7.39 -7.55
N CYS A 674 17.17 6.48 -8.49
CA CYS A 674 16.09 5.71 -9.11
C CYS A 674 16.41 4.22 -9.11
N CYS A 675 17.47 3.85 -8.38
CA CYS A 675 17.89 2.45 -8.31
C CYS A 675 18.81 2.19 -7.13
N PHE A 676 18.45 1.21 -6.31
CA PHE A 676 19.27 0.82 -5.17
C PHE A 676 19.58 -0.68 -5.23
N ALA A 677 20.85 -1.00 -5.35
CA ALA A 677 21.28 -2.40 -5.44
C ALA A 677 21.96 -2.86 -4.15
N ARG A 678 21.81 -4.15 -3.86
CA ARG A 678 22.41 -4.74 -2.67
C ARG A 678 21.99 -3.98 -1.40
N VAL A 679 20.70 -3.70 -1.31
CA VAL A 679 20.17 -2.88 -0.23
C VAL A 679 20.15 -3.59 1.12
N GLU A 680 20.49 -2.86 2.17
CA GLU A 680 20.44 -3.39 3.53
C GLU A 680 19.00 -3.49 4.00
N PRO A 681 18.76 -4.27 5.08
CA PRO A 681 17.40 -4.50 5.59
C PRO A 681 16.72 -3.22 6.08
N SER A 682 17.49 -2.33 6.71
CA SER A 682 16.93 -1.11 7.30
C SER A 682 16.91 0.06 6.34
N HIS A 683 17.50 -0.12 5.16
CA HIS A 683 17.63 0.96 4.19
C HIS A 683 16.30 1.34 3.55
N LYS A 684 15.34 0.42 3.55
CA LYS A 684 14.03 0.70 2.97
C LYS A 684 13.31 1.82 3.70
N SER A 685 13.27 1.74 5.02
CA SER A 685 12.60 2.75 5.84
C SER A 685 13.37 4.07 5.82
N LYS A 686 14.69 3.99 5.69
CA LYS A 686 15.52 5.19 5.60
C LYS A 686 15.16 6.00 4.36
N ILE A 687 15.06 5.32 3.23
CA ILE A 687 14.72 5.97 1.97
C ILE A 687 13.35 6.62 2.04
N VAL A 688 12.43 5.97 2.73
CA VAL A 688 11.08 6.53 2.91
C VAL A 688 11.13 7.80 3.73
N GLU A 689 11.97 7.82 4.77
CA GLU A 689 12.11 9.01 5.61
C GLU A 689 12.64 10.19 4.83
N TYR A 690 13.66 9.94 3.99
CA TYR A 690 14.24 10.99 3.17
C TYR A 690 13.26 11.46 2.10
N LEU A 691 12.47 10.54 1.57
CA LEU A 691 11.45 10.88 0.58
C LEU A 691 10.33 11.69 1.23
N GLN A 692 10.02 11.37 2.47
CA GLN A 692 8.97 12.07 3.20
C GLN A 692 9.42 13.47 3.60
N SER A 693 10.74 13.67 3.67
CA SER A 693 11.29 14.96 4.05
C SER A 693 11.04 16.01 2.97
N TYR A 694 10.83 15.55 1.75
CA TYR A 694 10.54 16.45 0.64
C TYR A 694 9.04 16.58 0.41
N ASP A 695 8.27 16.19 1.41
CA ASP A 695 6.81 16.22 1.32
C ASP A 695 6.34 15.43 0.11
N GLU A 696 6.89 14.23 -0.06
CA GLU A 696 6.61 13.42 -1.24
C GLU A 696 5.92 12.11 -0.87
N ILE A 697 4.74 11.88 -1.43
CA ILE A 697 3.98 10.67 -1.15
C ILE A 697 4.67 9.45 -1.74
N THR A 698 5.18 8.59 -0.86
CA THR A 698 5.96 7.43 -1.27
C THR A 698 5.14 6.15 -1.25
N ALA A 699 5.51 5.20 -2.10
CA ALA A 699 4.85 3.91 -2.15
C ALA A 699 5.85 2.76 -2.11
N MET A 700 6.31 2.42 -0.91
CA MET A 700 7.26 1.33 -0.72
C MET A 700 6.56 -0.02 -0.77
N THR A 701 7.28 -1.06 -1.20
CA THR A 701 6.71 -2.39 -1.29
C THR A 701 7.60 -3.44 -0.62
N GLY A 702 6.98 -4.50 -0.12
CA GLY A 702 7.69 -5.58 0.54
C GLY A 702 6.89 -6.87 0.53
N ASP A 703 7.29 -7.83 1.35
CA ASP A 703 6.59 -9.11 1.42
C ASP A 703 6.77 -9.80 2.76
N GLY A 704 7.93 -9.59 3.39
CA GLY A 704 8.24 -10.24 4.65
C GLY A 704 8.07 -9.33 5.85
N VAL A 705 8.48 -9.82 7.01
CA VAL A 705 8.41 -9.05 8.24
C VAL A 705 9.46 -7.94 8.26
N ASN A 706 10.54 -8.17 7.51
CA ASN A 706 11.62 -7.20 7.41
C ASN A 706 11.16 -5.87 6.83
N ASP A 707 10.17 -5.94 5.95
CA ASP A 707 9.70 -4.77 5.23
C ASP A 707 8.50 -4.10 5.92
N ALA A 708 8.00 -4.73 6.97
CA ALA A 708 6.84 -4.24 7.70
C ALA A 708 7.01 -2.80 8.17
N PRO A 709 8.12 -2.50 8.85
CA PRO A 709 8.40 -1.13 9.30
C PRO A 709 8.42 -0.13 8.15
N ALA A 710 9.03 -0.50 7.03
CA ALA A 710 9.10 0.37 5.87
C ALA A 710 7.71 0.60 5.27
N LEU A 711 6.91 -0.47 5.20
CA LEU A 711 5.55 -0.38 4.67
C LEU A 711 4.68 0.48 5.59
N LYS A 712 4.84 0.29 6.89
CA LYS A 712 4.07 1.03 7.89
C LYS A 712 4.38 2.52 7.82
N LYS A 713 5.65 2.85 7.59
CA LYS A 713 6.09 4.24 7.57
C LYS A 713 5.75 4.91 6.24
N ALA A 714 5.73 4.12 5.16
CA ALA A 714 5.40 4.65 3.85
C ALA A 714 3.92 5.05 3.79
N GLU A 715 3.64 6.09 3.00
CA GLU A 715 2.27 6.55 2.82
C GLU A 715 1.41 5.45 2.20
N ILE A 716 1.89 4.88 1.11
CA ILE A 716 1.18 3.81 0.43
C ILE A 716 1.96 2.50 0.53
N GLY A 717 1.74 1.78 1.62
CA GLY A 717 2.38 0.49 1.81
C GLY A 717 1.81 -0.56 0.88
N ILE A 718 2.68 -1.15 0.06
CA ILE A 718 2.25 -2.15 -0.91
C ILE A 718 2.82 -3.52 -0.56
N ALA A 719 1.94 -4.52 -0.50
CA ALA A 719 2.37 -5.89 -0.20
C ALA A 719 1.97 -6.82 -1.33
N MET A 720 2.60 -8.01 -1.35
CA MET A 720 2.31 -9.00 -2.39
C MET A 720 1.25 -9.97 -1.92
N GLY A 721 0.50 -10.53 -2.86
CA GLY A 721 -0.52 -11.51 -2.54
C GLY A 721 0.10 -12.78 -2.00
N SER A 722 1.28 -13.10 -2.49
CA SER A 722 2.01 -14.28 -2.03
C SER A 722 2.84 -13.97 -0.80
N GLY A 723 2.85 -12.70 -0.41
CA GLY A 723 3.59 -12.27 0.76
C GLY A 723 2.95 -12.73 2.06
N THR A 724 3.65 -12.52 3.17
CA THR A 724 3.15 -12.97 4.47
C THR A 724 2.03 -12.06 4.96
N ALA A 725 1.31 -12.53 5.98
CA ALA A 725 0.16 -11.80 6.51
C ALA A 725 0.56 -10.50 7.19
N VAL A 726 1.70 -10.50 7.86
CA VAL A 726 2.19 -9.32 8.55
C VAL A 726 2.46 -8.19 7.56
N ALA A 727 2.95 -8.55 6.38
CA ALA A 727 3.20 -7.58 5.33
C ALA A 727 1.88 -7.04 4.77
N LYS A 728 0.88 -7.91 4.72
CA LYS A 728 -0.44 -7.54 4.21
C LYS A 728 -1.16 -6.61 5.19
N THR A 729 -1.14 -6.97 6.46
CA THR A 729 -1.82 -6.18 7.49
C THR A 729 -1.14 -4.84 7.72
N ALA A 730 0.16 -4.78 7.44
CA ALA A 730 0.93 -3.56 7.64
C ALA A 730 0.81 -2.62 6.44
N SER A 731 0.59 -3.19 5.27
CA SER A 731 0.50 -2.42 4.04
C SER A 731 -0.88 -1.79 3.85
N GLU A 732 -0.96 -0.81 2.96
CA GLU A 732 -2.23 -0.17 2.63
C GLU A 732 -2.87 -0.83 1.42
N MET A 733 -2.05 -1.49 0.61
CA MET A 733 -2.53 -2.17 -0.58
C MET A 733 -1.87 -3.54 -0.73
N VAL A 734 -2.62 -4.48 -1.31
CA VAL A 734 -2.11 -5.81 -1.58
C VAL A 734 -2.30 -6.19 -3.04
N LEU A 735 -1.19 -6.39 -3.74
CA LEU A 735 -1.24 -6.75 -5.15
C LEU A 735 -1.66 -8.21 -5.31
N ALA A 736 -2.74 -8.44 -6.05
CA ALA A 736 -3.29 -9.77 -6.23
C ALA A 736 -2.39 -10.65 -7.09
N ASP A 737 -1.81 -10.06 -8.14
CA ASP A 737 -0.98 -10.82 -9.07
C ASP A 737 0.51 -10.52 -8.91
N ASP A 738 0.84 -9.76 -7.87
CA ASP A 738 2.23 -9.37 -7.60
C ASP A 738 2.86 -8.69 -8.80
N ASN A 739 2.19 -7.66 -9.31
CA ASN A 739 2.65 -6.99 -10.52
C ASN A 739 2.80 -5.49 -10.33
N PHE A 740 3.86 -4.94 -10.92
CA PHE A 740 4.12 -3.51 -10.86
C PHE A 740 3.08 -2.75 -11.69
N SER A 741 2.57 -3.40 -12.73
CA SER A 741 1.60 -2.79 -13.62
C SER A 741 0.26 -2.55 -12.91
N THR A 742 -0.07 -3.44 -11.97
CA THR A 742 -1.31 -3.33 -11.24
C THR A 742 -1.22 -2.23 -10.19
N ILE A 743 -0.01 -1.77 -9.91
CA ILE A 743 0.19 -0.62 -9.03
C ILE A 743 -0.19 0.65 -9.76
N VAL A 744 0.40 0.83 -10.95
CA VAL A 744 0.11 1.98 -11.77
C VAL A 744 -1.35 1.98 -12.21
N ALA A 745 -1.88 0.79 -12.49
CA ALA A 745 -3.27 0.65 -12.90
C ALA A 745 -4.21 1.12 -11.80
N ALA A 746 -3.81 0.86 -10.55
CA ALA A 746 -4.56 1.29 -9.40
C ALA A 746 -4.39 2.78 -9.16
N VAL A 747 -3.17 3.26 -9.36
CA VAL A 747 -2.86 4.68 -9.18
C VAL A 747 -3.68 5.52 -10.14
N GLU A 748 -3.88 5.01 -11.35
CA GLU A 748 -4.67 5.70 -12.36
C GLU A 748 -6.13 5.80 -11.93
N GLU A 749 -6.61 4.76 -11.25
CA GLU A 749 -7.97 4.74 -10.74
C GLU A 749 -8.10 5.71 -9.56
N GLY A 750 -7.01 5.86 -8.81
CA GLY A 750 -6.98 6.75 -7.66
C GLY A 750 -7.17 8.20 -8.05
N ARG A 751 -6.56 8.61 -9.15
CA ARG A 751 -6.71 9.97 -9.64
C ARG A 751 -8.10 10.20 -10.22
N ALA A 752 -8.61 9.18 -10.89
CA ALA A 752 -9.93 9.25 -11.51
C ALA A 752 -11.03 9.41 -10.47
N ILE A 753 -10.89 8.70 -9.35
CA ILE A 753 -11.84 8.80 -8.26
C ILE A 753 -11.76 10.18 -7.59
N TYR A 754 -10.54 10.67 -7.41
CA TYR A 754 -10.30 11.95 -6.74
C TYR A 754 -10.86 13.11 -7.56
N ASN A 755 -10.83 12.99 -8.88
CA ASN A 755 -11.39 14.01 -9.75
C ASN A 755 -12.90 14.04 -9.64
N ASN A 756 -13.51 12.86 -9.70
CA ASN A 756 -14.95 12.74 -9.52
C ASN A 756 -15.33 13.08 -8.09
N MET A 757 -14.48 12.70 -7.15
CA MET A 757 -14.72 12.97 -5.74
C MET A 757 -14.71 14.47 -5.46
N LYS A 758 -13.69 15.14 -5.99
CA LYS A 758 -13.54 16.58 -5.82
C LYS A 758 -14.68 17.33 -6.51
N GLN A 759 -15.33 16.67 -7.46
CA GLN A 759 -16.40 17.30 -8.23
C GLN A 759 -17.67 17.44 -7.41
N PHE A 760 -18.11 16.35 -6.79
CA PHE A 760 -19.36 16.38 -6.02
C PHE A 760 -19.16 17.07 -4.67
N ILE A 761 -17.90 17.27 -4.29
CA ILE A 761 -17.59 18.02 -3.08
C ILE A 761 -17.93 19.49 -3.28
N ARG A 762 -17.61 20.01 -4.46
CA ARG A 762 -17.93 21.39 -4.80
C ARG A 762 -19.42 21.53 -5.07
N TYR A 763 -20.06 20.44 -5.47
CA TYR A 763 -21.49 20.42 -5.73
C TYR A 763 -22.29 20.59 -4.44
N LEU A 764 -21.96 19.78 -3.43
CA LEU A 764 -22.63 19.86 -2.14
C LEU A 764 -22.33 21.19 -1.45
N ILE A 765 -21.07 21.60 -1.48
CA ILE A 765 -20.67 22.87 -0.88
C ILE A 765 -21.39 24.04 -1.53
N SER A 766 -21.58 23.94 -2.85
CA SER A 766 -22.28 24.98 -3.58
C SER A 766 -23.72 25.11 -3.09
N SER A 767 -24.34 23.97 -2.75
CA SER A 767 -25.69 23.97 -2.23
C SER A 767 -25.71 24.54 -0.81
N ASN A 768 -24.73 24.15 -0.01
CA ASN A 768 -24.63 24.62 1.37
C ASN A 768 -24.39 26.13 1.44
N VAL A 769 -23.64 26.66 0.48
CA VAL A 769 -23.39 28.09 0.41
C VAL A 769 -24.66 28.86 0.08
N GLY A 770 -25.49 28.28 -0.79
CA GLY A 770 -26.73 28.89 -1.18
C GLY A 770 -27.74 28.93 -0.05
N GLU A 771 -27.72 27.89 0.78
CA GLU A 771 -28.63 27.80 1.92
C GLU A 771 -28.30 28.84 2.97
N VAL A 772 -27.02 29.20 3.08
CA VAL A 772 -26.58 30.22 4.01
C VAL A 772 -27.00 31.61 3.53
N VAL A 773 -26.88 31.82 2.23
CA VAL A 773 -27.30 33.10 1.63
C VAL A 773 -28.80 33.27 1.73
N CYS A 774 -29.53 32.15 1.61
CA CYS A 774 -30.98 32.17 1.71
C CYS A 774 -31.42 32.58 3.11
N ILE A 775 -30.71 32.06 4.12
CA ILE A 775 -31.02 32.37 5.51
C ILE A 775 -30.60 33.79 5.87
N PHE A 776 -29.44 34.20 5.37
CA PHE A 776 -28.91 35.54 5.68
C PHE A 776 -29.73 36.63 5.01
N LEU A 777 -30.19 36.37 3.80
CA LEU A 777 -31.02 37.34 3.08
C LEU A 777 -32.38 37.51 3.76
N THR A 778 -32.99 36.39 4.13
CA THR A 778 -34.32 36.42 4.73
C THR A 778 -34.27 36.87 6.19
N ALA A 779 -33.08 36.88 6.77
CA ALA A 779 -32.92 37.27 8.17
C ALA A 779 -32.47 38.72 8.31
N ALA A 780 -31.48 39.11 7.51
CA ALA A 780 -30.93 40.47 7.56
C ALA A 780 -31.96 41.49 7.11
N LEU A 781 -32.70 41.16 6.06
CA LEU A 781 -33.73 42.05 5.53
C LEU A 781 -34.95 42.07 6.45
N GLY A 782 -35.11 41.01 7.23
CA GLY A 782 -36.21 40.92 8.17
C GLY A 782 -37.44 40.25 7.59
N LEU A 783 -37.23 39.35 6.63
CA LEU A 783 -38.33 38.65 5.99
C LEU A 783 -38.74 37.41 6.77
N PRO A 784 -39.94 36.89 6.49
CA PRO A 784 -40.40 35.64 7.11
C PRO A 784 -39.51 34.46 6.70
N GLU A 785 -39.42 33.46 7.56
CA GLU A 785 -38.54 32.31 7.32
C GLU A 785 -38.83 31.65 5.97
N ALA A 786 -37.78 31.47 5.18
CA ALA A 786 -37.91 30.88 3.85
C ALA A 786 -37.69 29.38 3.87
N LEU A 787 -36.74 28.93 4.69
CA LEU A 787 -36.41 27.51 4.77
C LEU A 787 -36.22 27.06 6.22
N ILE A 788 -36.76 25.88 6.52
CA ILE A 788 -36.63 25.29 7.85
C ILE A 788 -35.47 24.30 7.89
N PRO A 789 -34.75 24.26 9.03
CA PRO A 789 -33.61 23.36 9.22
C PRO A 789 -33.95 21.90 8.95
N VAL A 790 -35.17 21.48 9.28
CA VAL A 790 -35.62 20.13 9.02
C VAL A 790 -35.66 19.86 7.52
N GLN A 791 -35.94 20.91 6.75
CA GLN A 791 -35.99 20.81 5.30
C GLN A 791 -34.58 20.76 4.70
N LEU A 792 -33.70 21.63 5.18
CA LEU A 792 -32.34 21.73 4.68
C LEU A 792 -31.58 20.42 4.85
N LEU A 793 -31.83 19.73 5.95
CA LEU A 793 -31.17 18.45 6.21
C LEU A 793 -31.58 17.40 5.19
N TRP A 794 -32.88 17.32 4.91
CA TRP A 794 -33.39 16.35 3.96
C TRP A 794 -32.91 16.68 2.54
N VAL A 795 -32.58 17.95 2.33
CA VAL A 795 -32.05 18.39 1.04
C VAL A 795 -30.60 17.93 0.88
N ASN A 796 -29.80 18.12 1.91
CA ASN A 796 -28.40 17.74 1.88
C ASN A 796 -28.19 16.23 1.95
N LEU A 797 -29.07 15.56 2.69
CA LEU A 797 -28.94 14.12 2.90
C LEU A 797 -29.43 13.30 1.70
N VAL A 798 -30.62 13.63 1.20
CA VAL A 798 -31.24 12.82 0.16
C VAL A 798 -31.18 13.45 -1.22
N THR A 799 -31.84 14.60 -1.38
CA THR A 799 -31.96 15.23 -2.69
C THR A 799 -30.60 15.61 -3.29
N ASP A 800 -29.67 16.00 -2.43
CA ASP A 800 -28.32 16.34 -2.89
C ASP A 800 -27.38 15.14 -2.77
N GLY A 801 -27.72 14.22 -1.87
CA GLY A 801 -26.90 13.04 -1.63
C GLY A 801 -26.94 12.03 -2.76
N LEU A 802 -28.14 11.77 -3.27
CA LEU A 802 -28.32 10.80 -4.34
C LEU A 802 -27.52 11.16 -5.61
N PRO A 803 -27.71 12.38 -6.12
CA PRO A 803 -26.96 12.79 -7.32
C PRO A 803 -25.47 12.94 -7.05
N ALA A 804 -25.11 13.42 -5.86
CA ALA A 804 -23.71 13.57 -5.49
C ALA A 804 -23.03 12.21 -5.49
N THR A 805 -23.73 11.19 -5.03
CA THR A 805 -23.21 9.83 -5.05
C THR A 805 -23.17 9.31 -6.48
N ALA A 806 -24.11 9.78 -7.29
CA ALA A 806 -24.18 9.38 -8.69
C ALA A 806 -23.08 10.06 -9.50
N LEU A 807 -22.56 11.17 -8.97
CA LEU A 807 -21.48 11.89 -9.64
C LEU A 807 -20.16 11.11 -9.56
N GLY A 808 -20.14 10.10 -8.69
CA GLY A 808 -18.95 9.27 -8.54
C GLY A 808 -18.73 8.39 -9.75
N PHE A 809 -19.79 8.16 -10.51
CA PHE A 809 -19.72 7.34 -11.71
C PHE A 809 -19.50 8.19 -12.96
N ASN A 810 -19.07 9.43 -12.76
CA ASN A 810 -18.75 10.31 -13.89
C ASN A 810 -17.63 9.72 -14.74
N PRO A 811 -17.77 9.84 -16.07
CA PRO A 811 -16.76 9.35 -17.02
C PRO A 811 -15.38 9.94 -16.73
N PRO A 812 -14.35 9.11 -16.75
CA PRO A 812 -12.98 9.56 -16.47
C PRO A 812 -12.46 10.49 -17.57
N ASP A 813 -12.12 11.72 -17.19
CA ASP A 813 -11.56 12.68 -18.13
C ASP A 813 -10.25 12.16 -18.69
N LEU A 814 -10.25 11.79 -19.97
CA LEU A 814 -9.08 11.20 -20.62
C LEU A 814 -7.86 12.11 -20.54
N ASP A 815 -6.68 11.53 -20.77
CA ASP A 815 -5.43 12.26 -20.68
C ASP A 815 -5.19 12.75 -19.26
N ILE A 816 -5.51 11.89 -18.30
CA ILE A 816 -5.30 12.21 -16.89
C ILE A 816 -3.90 11.80 -16.47
N MET A 817 -3.40 10.73 -17.08
CA MET A 817 -2.06 10.23 -16.80
C MET A 817 -0.99 11.10 -17.46
N ASP A 818 -1.42 12.11 -18.21
CA ASP A 818 -0.51 13.04 -18.87
C ASP A 818 -0.04 14.12 -17.91
N ARG A 819 -0.91 14.47 -16.96
CA ARG A 819 -0.60 15.48 -15.96
C ARG A 819 0.20 14.87 -14.81
N PRO A 820 0.96 15.72 -14.08
CA PRO A 820 1.73 15.28 -12.92
C PRO A 820 0.85 14.94 -11.72
N PRO A 821 1.44 14.38 -10.65
CA PRO A 821 0.70 13.98 -9.45
C PRO A 821 0.02 15.16 -8.75
N ARG A 822 -1.11 14.90 -8.12
CA ARG A 822 -1.82 15.91 -7.34
C ARG A 822 -0.97 16.33 -6.14
N SER A 823 -0.77 17.65 -6.00
CA SER A 823 0.03 18.18 -4.91
C SER A 823 -0.63 17.97 -3.55
N PRO A 824 0.15 17.55 -2.55
CA PRO A 824 -0.33 17.30 -1.19
C PRO A 824 -1.04 18.51 -0.59
N LYS A 825 -0.49 19.70 -0.81
CA LYS A 825 -1.08 20.91 -0.27
C LYS A 825 -1.80 21.72 -1.35
N GLU A 826 -2.63 21.03 -2.14
CA GLU A 826 -3.45 21.70 -3.14
C GLU A 826 -4.88 21.87 -2.62
N PRO A 827 -5.40 23.10 -2.70
CA PRO A 827 -6.73 23.42 -2.17
C PRO A 827 -7.85 22.80 -3.00
N LEU A 828 -8.99 22.57 -2.37
CA LEU A 828 -10.16 22.04 -3.07
C LEU A 828 -10.76 23.10 -3.98
N ILE A 829 -11.01 24.28 -3.41
CA ILE A 829 -11.55 25.40 -4.18
C ILE A 829 -10.68 26.64 -3.97
N SER A 830 -10.31 27.30 -5.05
CA SER A 830 -9.45 28.49 -4.96
C SER A 830 -9.44 29.29 -6.26
N GLY A 831 -9.23 30.59 -6.13
CA GLY A 831 -9.16 31.47 -7.29
C GLY A 831 -10.48 31.60 -8.02
N TRP A 832 -10.47 31.25 -9.31
CA TRP A 832 -11.67 31.32 -10.13
C TRP A 832 -12.73 30.35 -9.67
N LEU A 833 -12.30 29.20 -9.18
CA LEU A 833 -13.22 28.15 -8.74
C LEU A 833 -14.03 28.59 -7.53
N PHE A 834 -13.44 29.44 -6.70
CA PHE A 834 -14.12 29.99 -5.54
C PHE A 834 -15.21 30.97 -5.98
N PHE A 835 -14.86 31.84 -6.93
CA PHE A 835 -15.79 32.81 -7.46
C PHE A 835 -16.92 32.15 -8.24
N ARG A 836 -16.60 31.03 -8.89
CA ARG A 836 -17.57 30.33 -9.73
C ARG A 836 -18.74 29.80 -8.92
N TYR A 837 -18.45 29.09 -7.84
CA TYR A 837 -19.50 28.53 -6.99
C TYR A 837 -20.00 29.55 -5.98
N MET A 838 -19.32 30.69 -5.91
CA MET A 838 -19.76 31.80 -5.07
C MET A 838 -20.93 32.51 -5.75
N ALA A 839 -20.82 32.67 -7.07
CA ALA A 839 -21.88 33.28 -7.86
C ALA A 839 -23.07 32.33 -7.99
N ILE A 840 -22.78 31.04 -8.13
CA ILE A 840 -23.82 30.03 -8.19
C ILE A 840 -24.56 29.94 -6.86
N GLY A 841 -23.80 30.02 -5.77
CA GLY A 841 -24.38 30.00 -4.44
C GLY A 841 -25.10 31.29 -4.13
N GLY A 842 -24.66 32.37 -4.77
CA GLY A 842 -25.26 33.67 -4.57
C GLY A 842 -26.60 33.81 -5.26
N TYR A 843 -26.75 33.13 -6.40
CA TYR A 843 -27.99 33.18 -7.16
C TYR A 843 -29.09 32.36 -6.50
N VAL A 844 -28.75 31.15 -6.07
CA VAL A 844 -29.71 30.25 -5.44
C VAL A 844 -30.26 30.85 -4.15
N GLY A 845 -29.44 31.62 -3.46
CA GLY A 845 -29.85 32.28 -2.24
C GLY A 845 -30.92 33.33 -2.50
N ALA A 846 -30.75 34.07 -3.59
CA ALA A 846 -31.71 35.09 -3.97
C ALA A 846 -32.94 34.47 -4.63
N ALA A 847 -32.73 33.33 -5.29
CA ALA A 847 -33.81 32.64 -5.99
C ALA A 847 -34.79 32.02 -5.00
N THR A 848 -34.27 31.39 -3.95
CA THR A 848 -35.10 30.75 -2.95
C THR A 848 -35.85 31.76 -2.10
N VAL A 849 -35.15 32.82 -1.69
CA VAL A 849 -35.76 33.88 -0.90
C VAL A 849 -36.76 34.65 -1.75
N GLY A 850 -36.42 34.85 -3.03
CA GLY A 850 -37.30 35.52 -3.96
C GLY A 850 -38.51 34.68 -4.31
N ALA A 851 -38.33 33.36 -4.27
CA ALA A 851 -39.42 32.44 -4.57
C ALA A 851 -40.49 32.51 -3.49
N ALA A 852 -40.06 32.60 -2.23
CA ALA A 852 -40.98 32.75 -1.12
C ALA A 852 -41.60 34.14 -1.13
N ALA A 853 -40.79 35.14 -1.41
CA ALA A 853 -41.26 36.52 -1.49
C ALA A 853 -42.27 36.71 -2.62
N TRP A 854 -42.18 35.84 -3.63
CA TRP A 854 -43.11 35.88 -4.75
C TRP A 854 -44.52 35.53 -4.31
N TRP A 855 -44.64 34.49 -3.49
CA TRP A 855 -45.95 34.02 -3.03
C TRP A 855 -46.56 34.99 -2.03
N PHE A 856 -45.72 35.60 -1.20
CA PHE A 856 -46.19 36.55 -0.21
C PHE A 856 -46.76 37.82 -0.86
N MET A 857 -46.14 38.24 -1.96
CA MET A 857 -46.51 39.49 -2.62
C MET A 857 -47.21 39.26 -3.96
N TYR A 858 -46.42 39.03 -5.00
CA TYR A 858 -46.94 38.90 -6.36
C TYR A 858 -47.33 37.45 -6.67
N ALA A 859 -48.42 36.99 -6.07
CA ALA A 859 -48.84 35.60 -6.23
C ALA A 859 -50.22 35.47 -6.88
N GLU A 860 -50.53 34.26 -7.35
CA GLU A 860 -51.84 33.98 -7.93
C GLU A 860 -52.84 33.58 -6.86
N ASP A 861 -52.48 32.58 -6.06
CA ASP A 861 -53.34 32.12 -4.98
C ASP A 861 -53.02 32.85 -3.68
N GLY A 862 -51.81 33.39 -3.59
CA GLY A 862 -51.36 34.09 -2.40
C GLY A 862 -52.00 35.46 -2.24
N PRO A 863 -51.74 36.12 -1.10
CA PRO A 863 -52.28 37.46 -0.80
C PRO A 863 -51.53 38.57 -1.52
N GLY A 864 -52.22 39.66 -1.82
CA GLY A 864 -51.60 40.81 -2.44
C GLY A 864 -50.94 41.70 -1.41
N VAL A 865 -49.67 41.44 -1.15
CA VAL A 865 -48.94 42.18 -0.12
C VAL A 865 -47.74 42.92 -0.71
N THR A 866 -47.25 43.92 0.02
CA THR A 866 -46.09 44.68 -0.42
C THR A 866 -44.86 44.32 0.41
N TYR A 867 -43.70 44.82 -0.02
CA TYR A 867 -42.43 44.47 0.59
C TYR A 867 -42.21 45.12 1.96
N HIS A 868 -42.64 46.37 2.10
CA HIS A 868 -42.36 47.13 3.32
C HIS A 868 -43.13 46.58 4.52
N GLN A 869 -44.28 45.96 4.26
CA GLN A 869 -45.07 45.40 5.34
C GLN A 869 -44.79 43.92 5.52
N LEU A 870 -44.16 43.31 4.53
CA LEU A 870 -43.77 41.92 4.60
C LEU A 870 -42.59 41.74 5.54
N THR A 871 -41.76 42.75 5.64
CA THR A 871 -40.59 42.72 6.52
C THR A 871 -40.99 42.96 7.97
N HIS A 872 -42.21 43.45 8.16
CA HIS A 872 -42.72 43.70 9.51
C HIS A 872 -43.81 42.70 9.88
N PHE A 873 -43.54 41.42 9.64
CA PHE A 873 -44.51 40.37 9.91
C PHE A 873 -44.58 40.04 11.39
N MET A 874 -43.51 40.35 12.12
CA MET A 874 -43.44 40.05 13.55
C MET A 874 -44.32 41.00 14.36
N GLN A 875 -44.83 42.04 13.70
CA GLN A 875 -45.66 43.03 14.36
C GLN A 875 -47.11 42.93 13.91
N CYS A 876 -47.52 41.71 13.56
CA CYS A 876 -48.87 41.49 13.04
C CYS A 876 -49.94 41.78 14.10
N THR A 877 -49.70 41.29 15.32
CA THR A 877 -50.64 41.50 16.41
C THR A 877 -50.50 42.90 17.00
N GLU A 878 -49.30 43.46 16.91
CA GLU A 878 -49.03 44.78 17.45
C GLU A 878 -49.64 45.88 16.59
N ASP A 879 -49.10 46.05 15.38
CA ASP A 879 -49.61 47.04 14.45
C ASP A 879 -50.81 46.48 13.67
N HIS A 880 -51.98 46.54 14.28
CA HIS A 880 -53.18 45.95 13.71
C HIS A 880 -53.69 46.65 12.44
N PRO A 881 -53.71 48.00 12.45
CA PRO A 881 -54.25 48.72 11.29
C PRO A 881 -53.43 48.53 10.01
N HIS A 882 -52.11 48.56 10.13
CA HIS A 882 -51.25 48.47 8.95
C HIS A 882 -51.34 47.11 8.26
N PHE A 883 -51.62 46.07 9.03
CA PHE A 883 -51.73 44.73 8.47
C PHE A 883 -53.14 44.18 8.62
N GLU A 884 -53.87 44.08 7.51
CA GLU A 884 -55.23 43.56 7.55
C GLU A 884 -55.64 42.95 6.21
N GLY A 885 -55.87 41.64 6.22
CA GLY A 885 -56.31 40.92 5.02
C GLY A 885 -56.85 39.57 5.38
N LEU A 886 -56.06 38.79 6.11
CA LEU A 886 -56.48 37.50 6.62
C LEU A 886 -55.89 37.26 8.00
N ASP A 887 -55.73 36.00 8.38
CA ASP A 887 -55.14 35.67 9.67
C ASP A 887 -53.63 35.91 9.64
N CYS A 888 -53.04 36.13 10.81
CA CYS A 888 -51.61 36.38 10.90
C CYS A 888 -50.82 35.10 10.63
N GLU A 889 -51.53 33.98 10.54
CA GLU A 889 -50.90 32.70 10.27
C GLU A 889 -50.41 32.62 8.83
N ILE A 890 -50.89 33.54 8.00
CA ILE A 890 -50.54 33.55 6.58
C ILE A 890 -49.07 33.92 6.38
N PHE A 891 -48.51 34.66 7.33
CA PHE A 891 -47.08 34.98 7.30
C PHE A 891 -46.25 33.73 7.52
N GLU A 892 -46.79 32.80 8.32
CA GLU A 892 -46.15 31.53 8.57
C GLU A 892 -46.79 30.44 7.72
N ALA A 893 -47.06 30.76 6.46
CA ALA A 893 -47.73 29.83 5.55
C ALA A 893 -46.77 28.79 5.00
N PRO A 894 -47.30 27.62 4.61
CA PRO A 894 -46.52 26.51 4.06
C PRO A 894 -46.21 26.68 2.58
N GLU A 895 -47.03 27.46 1.87
CA GLU A 895 -46.85 27.66 0.44
C GLU A 895 -45.52 28.33 0.10
N PRO A 896 -45.23 29.50 0.71
CA PRO A 896 -44.00 30.23 0.39
C PRO A 896 -42.73 29.44 0.70
N MET A 897 -42.77 28.62 1.74
CA MET A 897 -41.62 27.78 2.07
C MET A 897 -41.48 26.64 1.08
N THR A 898 -42.60 26.20 0.51
CA THR A 898 -42.58 25.16 -0.50
C THR A 898 -41.98 25.69 -1.80
N MET A 899 -42.21 26.97 -2.08
CA MET A 899 -41.62 27.61 -3.24
C MET A 899 -40.11 27.75 -3.07
N ALA A 900 -39.70 28.19 -1.89
CA ALA A 900 -38.28 28.34 -1.60
C ALA A 900 -37.55 27.01 -1.62
N LEU A 901 -38.25 25.95 -1.19
CA LEU A 901 -37.66 24.62 -1.14
C LEU A 901 -37.65 23.97 -2.53
N SER A 902 -38.76 24.14 -3.26
CA SER A 902 -38.86 23.58 -4.61
C SER A 902 -37.84 24.22 -5.55
N VAL A 903 -37.61 25.52 -5.38
CA VAL A 903 -36.62 26.23 -6.17
C VAL A 903 -35.21 25.74 -5.84
N LEU A 904 -34.99 25.42 -4.56
CA LEU A 904 -33.71 24.93 -4.11
C LEU A 904 -33.42 23.54 -4.67
N VAL A 905 -34.44 22.68 -4.66
CA VAL A 905 -34.31 21.32 -5.15
C VAL A 905 -34.15 21.26 -6.67
N THR A 906 -34.95 22.07 -7.36
CA THR A 906 -34.93 22.08 -8.82
C THR A 906 -33.59 22.56 -9.36
N ILE A 907 -32.99 23.55 -8.70
CA ILE A 907 -31.71 24.10 -9.14
C ILE A 907 -30.57 23.11 -8.93
N GLU A 908 -30.62 22.37 -7.82
CA GLU A 908 -29.58 21.39 -7.52
C GLU A 908 -29.60 20.23 -8.50
N MET A 909 -30.78 19.95 -9.06
CA MET A 909 -30.90 18.95 -10.11
C MET A 909 -30.20 19.45 -11.37
N CYS A 910 -30.35 20.74 -11.62
CA CYS A 910 -29.71 21.38 -12.76
C CYS A 910 -28.23 21.61 -12.47
N ASN A 911 -27.91 21.91 -11.23
CA ASN A 911 -26.53 22.11 -10.82
C ASN A 911 -25.78 20.78 -10.79
N ALA A 912 -26.53 19.70 -10.60
CA ALA A 912 -25.94 18.36 -10.64
C ALA A 912 -25.50 18.03 -12.06
N LEU A 913 -26.24 18.52 -13.04
CA LEU A 913 -25.88 18.35 -14.43
C LEU A 913 -24.70 19.24 -14.79
N ASN A 914 -24.59 20.37 -14.09
CA ASN A 914 -23.45 21.27 -14.25
C ASN A 914 -22.18 20.64 -13.70
N SER A 915 -22.34 19.67 -12.81
CA SER A 915 -21.22 19.01 -12.17
C SER A 915 -20.81 17.74 -12.92
N LEU A 916 -21.43 17.50 -14.07
CA LEU A 916 -21.05 16.38 -14.91
C LEU A 916 -19.60 16.54 -15.37
N SER A 917 -19.26 17.77 -15.73
CA SER A 917 -17.89 18.12 -16.08
C SER A 917 -17.54 19.48 -15.48
N GLU A 918 -16.26 19.69 -15.19
CA GLU A 918 -15.83 20.91 -14.53
C GLU A 918 -15.92 22.13 -15.43
N ASN A 919 -15.41 22.00 -16.66
CA ASN A 919 -15.39 23.12 -17.58
C ASN A 919 -16.02 22.81 -18.94
N GLN A 920 -16.07 21.53 -19.29
CA GLN A 920 -16.68 21.11 -20.55
C GLN A 920 -18.17 21.47 -20.60
N SER A 921 -18.57 22.16 -21.65
CA SER A 921 -19.95 22.64 -21.78
C SER A 921 -20.94 21.49 -21.91
N LEU A 922 -22.21 21.77 -21.60
CA LEU A 922 -23.27 20.78 -21.73
C LEU A 922 -23.58 20.51 -23.20
N MET A 923 -23.08 21.39 -24.07
CA MET A 923 -23.20 21.18 -25.50
C MET A 923 -22.19 20.12 -25.94
N ARG A 924 -20.97 20.23 -25.42
CA ARG A 924 -19.92 19.25 -25.67
C ARG A 924 -20.26 17.93 -24.98
N MET A 925 -20.46 18.00 -23.66
CA MET A 925 -20.82 16.84 -22.87
C MET A 925 -22.33 16.71 -22.68
N PRO A 926 -22.93 15.70 -23.32
CA PRO A 926 -24.37 15.46 -23.21
C PRO A 926 -24.80 15.20 -21.77
N PRO A 927 -25.91 15.80 -21.34
CA PRO A 927 -26.43 15.60 -19.99
C PRO A 927 -26.81 14.15 -19.72
N TRP A 928 -27.01 13.37 -20.77
CA TRP A 928 -27.44 11.98 -20.64
C TRP A 928 -26.26 11.02 -20.62
N VAL A 929 -25.04 11.56 -20.53
CA VAL A 929 -23.84 10.74 -20.48
C VAL A 929 -23.85 9.82 -19.27
N ASN A 930 -23.93 10.41 -18.08
CA ASN A 930 -24.00 9.63 -16.85
C ASN A 930 -25.42 9.17 -16.58
N ILE A 931 -25.68 7.90 -16.89
CA ILE A 931 -27.01 7.34 -16.73
C ILE A 931 -27.42 7.25 -15.27
N TRP A 932 -26.44 6.99 -14.40
CA TRP A 932 -26.70 6.88 -12.96
C TRP A 932 -27.12 8.21 -12.37
N LEU A 933 -26.65 9.30 -12.99
CA LEU A 933 -27.00 10.64 -12.54
C LEU A 933 -28.45 10.96 -12.85
N LEU A 934 -28.89 10.60 -14.05
CA LEU A 934 -30.27 10.80 -14.47
C LEU A 934 -31.21 9.96 -13.62
N GLY A 935 -30.77 8.74 -13.29
CA GLY A 935 -31.55 7.85 -12.46
C GLY A 935 -31.71 8.38 -11.05
N SER A 936 -30.67 9.05 -10.56
CA SER A 936 -30.70 9.65 -9.23
C SER A 936 -31.56 10.91 -9.22
N ILE A 937 -31.50 11.65 -10.33
CA ILE A 937 -32.30 12.88 -10.46
C ILE A 937 -33.78 12.53 -10.54
N CYS A 938 -34.10 11.46 -11.26
CA CYS A 938 -35.48 10.99 -11.36
C CYS A 938 -35.98 10.49 -10.01
N LEU A 939 -35.07 9.88 -9.25
CA LEU A 939 -35.40 9.37 -7.92
C LEU A 939 -35.54 10.50 -6.91
N SER A 940 -34.74 11.54 -7.08
CA SER A 940 -34.76 12.69 -6.19
C SER A 940 -36.06 13.48 -6.31
N MET A 941 -36.44 13.78 -7.55
CA MET A 941 -37.67 14.51 -7.81
C MET A 941 -38.90 13.69 -7.44
N SER A 942 -38.77 12.37 -7.56
CA SER A 942 -39.84 11.47 -7.17
C SER A 942 -40.04 11.52 -5.66
N LEU A 943 -38.95 11.67 -4.93
CA LEU A 943 -39.00 11.80 -3.48
C LEU A 943 -39.48 13.19 -3.08
N HIS A 944 -39.19 14.17 -3.93
CA HIS A 944 -39.62 15.54 -3.69
C HIS A 944 -41.14 15.64 -3.76
N PHE A 945 -41.73 14.91 -4.70
CA PHE A 945 -43.18 14.86 -4.84
C PHE A 945 -43.80 14.04 -3.72
N LEU A 946 -43.03 13.10 -3.18
CA LEU A 946 -43.52 12.22 -2.12
C LEU A 946 -43.76 12.98 -0.82
N ILE A 947 -42.89 13.93 -0.50
CA ILE A 947 -43.00 14.70 0.73
C ILE A 947 -44.07 15.78 0.63
N LEU A 948 -44.71 15.88 -0.53
CA LEU A 948 -45.78 16.85 -0.74
C LEU A 948 -47.13 16.16 -0.90
N TYR A 949 -47.11 14.93 -1.42
CA TYR A 949 -48.34 14.19 -1.67
C TYR A 949 -48.76 13.35 -0.47
N VAL A 950 -47.94 12.39 -0.08
CA VAL A 950 -48.26 11.51 1.04
C VAL A 950 -48.39 12.30 2.34
N ASP A 951 -49.63 12.57 2.72
CA ASP A 951 -49.97 13.45 3.85
C ASP A 951 -49.05 13.39 5.07
N PRO A 952 -48.67 12.18 5.52
CA PRO A 952 -47.82 12.05 6.70
C PRO A 952 -46.52 12.86 6.63
N LEU A 953 -46.03 13.13 5.42
CA LEU A 953 -44.74 13.78 5.24
C LEU A 953 -44.79 15.32 5.30
N PRO A 954 -45.60 15.93 4.41
CA PRO A 954 -45.64 17.40 4.29
C PRO A 954 -45.99 18.11 5.58
N MET A 955 -46.70 17.44 6.48
CA MET A 955 -47.05 18.03 7.76
C MET A 955 -45.82 18.18 8.64
N ILE A 956 -44.87 17.27 8.44
CA ILE A 956 -43.63 17.27 9.22
C ILE A 956 -42.61 18.24 8.64
N PHE A 957 -42.56 18.32 7.31
CA PHE A 957 -41.62 19.20 6.63
C PHE A 957 -42.14 20.64 6.56
N LYS A 958 -43.37 20.85 7.00
CA LYS A 958 -44.01 22.16 6.89
C LYS A 958 -44.11 22.57 5.43
N LEU A 959 -44.75 21.72 4.62
CA LEU A 959 -44.90 21.98 3.20
C LEU A 959 -46.33 21.71 2.73
N LYS A 960 -46.69 22.27 1.59
CA LYS A 960 -48.00 22.07 1.01
C LYS A 960 -47.89 21.93 -0.51
N ALA A 961 -48.57 20.93 -1.06
CA ALA A 961 -48.44 20.57 -2.47
C ALA A 961 -48.70 21.76 -3.40
N LEU A 962 -47.90 21.85 -4.47
CA LEU A 962 -48.05 22.91 -5.47
C LEU A 962 -48.59 22.33 -6.77
N ASP A 963 -49.50 23.06 -7.41
CA ASP A 963 -50.07 22.63 -8.68
C ASP A 963 -49.20 23.11 -9.84
N LEU A 964 -49.68 22.93 -11.06
CA LEU A 964 -48.91 23.31 -12.25
C LEU A 964 -48.75 24.82 -12.33
N THR A 965 -49.68 25.54 -11.72
CA THR A 965 -49.64 27.00 -11.73
C THR A 965 -48.43 27.52 -10.95
N GLN A 966 -48.11 26.84 -9.86
CA GLN A 966 -47.02 27.27 -9.00
C GLN A 966 -45.68 26.65 -9.40
N TRP A 967 -45.73 25.46 -10.01
CA TRP A 967 -44.53 24.78 -10.46
C TRP A 967 -43.88 25.49 -11.64
N LEU A 968 -44.69 26.19 -12.42
CA LEU A 968 -44.19 26.94 -13.57
C LEU A 968 -43.22 28.03 -13.13
N MET A 969 -43.57 28.72 -12.04
CA MET A 969 -42.72 29.80 -11.52
C MET A 969 -41.42 29.26 -10.97
N VAL A 970 -41.45 28.03 -10.45
CA VAL A 970 -40.26 27.40 -9.91
C VAL A 970 -39.25 27.09 -11.01
N LEU A 971 -39.75 26.62 -12.15
CA LEU A 971 -38.90 26.31 -13.28
C LEU A 971 -38.32 27.57 -13.91
N LYS A 972 -39.11 28.64 -13.89
CA LYS A 972 -38.69 29.91 -14.48
C LYS A 972 -37.53 30.52 -13.72
N ILE A 973 -37.49 30.28 -12.41
CA ILE A 973 -36.46 30.88 -11.56
C ILE A 973 -35.28 29.94 -11.36
N SER A 974 -35.51 28.64 -11.57
CA SER A 974 -34.48 27.64 -11.32
C SER A 974 -33.60 27.38 -12.54
N LEU A 975 -34.23 27.18 -13.70
CA LEU A 975 -33.52 26.85 -14.93
C LEU A 975 -32.41 27.83 -15.35
N PRO A 976 -32.61 29.14 -15.10
CA PRO A 976 -31.58 30.12 -15.46
C PRO A 976 -30.21 29.86 -14.84
N VAL A 977 -30.14 28.94 -13.88
CA VAL A 977 -28.88 28.62 -13.22
C VAL A 977 -27.91 27.94 -14.18
N ILE A 978 -28.47 27.21 -15.14
CA ILE A 978 -27.67 26.50 -16.13
C ILE A 978 -26.99 27.46 -17.09
N GLY A 979 -27.74 28.47 -17.54
CA GLY A 979 -27.20 29.47 -18.44
C GLY A 979 -26.10 30.28 -17.79
N LEU A 980 -26.27 30.61 -16.51
CA LEU A 980 -25.28 31.36 -15.76
C LEU A 980 -23.99 30.55 -15.59
N ASP A 981 -24.16 29.27 -15.27
CA ASP A 981 -23.02 28.38 -15.09
C ASP A 981 -22.34 28.09 -16.42
N GLU A 982 -23.13 28.07 -17.49
CA GLU A 982 -22.59 27.84 -18.83
C GLU A 982 -21.68 29.00 -19.23
N ILE A 983 -22.06 30.20 -18.81
CA ILE A 983 -21.26 31.39 -19.07
C ILE A 983 -19.94 31.34 -18.31
N LEU A 984 -20.00 30.89 -17.05
CA LEU A 984 -18.81 30.76 -16.22
C LEU A 984 -17.85 29.72 -16.81
N LYS A 985 -18.40 28.63 -17.33
CA LYS A 985 -17.60 27.60 -17.96
C LYS A 985 -16.95 28.14 -19.23
N PHE A 986 -17.68 28.98 -19.96
CA PHE A 986 -17.18 29.55 -21.20
C PHE A 986 -16.06 30.53 -20.93
N ILE A 987 -16.16 31.27 -19.83
CA ILE A 987 -15.13 32.23 -19.46
C ILE A 987 -13.87 31.51 -18.99
N ALA A 988 -14.05 30.33 -18.40
CA ALA A 988 -12.92 29.57 -17.88
C ALA A 988 -12.04 29.01 -18.98
N ARG A 989 -12.67 28.50 -20.04
CA ARG A 989 -11.93 27.88 -21.14
C ARG A 989 -11.30 28.92 -22.06
N ASN A 990 -11.95 30.08 -22.18
CA ASN A 990 -11.47 31.13 -23.08
C ASN A 990 -10.49 32.09 -22.40
N TYR A 991 -11.00 32.87 -21.45
CA TYR A 991 -10.20 33.90 -20.80
C TYR A 991 -9.60 33.43 -19.48
N LEU A 992 -8.93 32.28 -19.52
CA LEU A 992 -8.26 31.74 -18.33
C LEU A 992 -7.28 30.63 -18.70
N GLU A 993 -7.75 29.66 -19.49
CA GLU A 993 -6.90 28.57 -19.94
C GLU A 993 -5.80 29.06 -20.87
N GLY A 994 -4.57 29.03 -20.40
CA GLY A 994 -3.43 29.46 -21.18
C GLY A 994 -2.12 28.88 -20.70
NA NA B . 1.63 2.53 6.49
S SO4 C . 16.97 -10.62 -5.37
O1 SO4 C . 17.05 -9.52 -6.34
O2 SO4 C . 18.31 -11.05 -5.03
O3 SO4 C . 16.27 -10.16 -4.18
O4 SO4 C . 16.23 -11.73 -5.97
S SO4 D . 28.40 -10.45 -8.28
O1 SO4 D . 29.27 -11.41 -8.97
O2 SO4 D . 28.80 -10.35 -6.87
O3 SO4 D . 28.51 -9.14 -8.91
O4 SO4 D . 27.02 -10.91 -8.36
C68 7BS E . -20.66 17.85 10.72
O67 7BS E . -20.52 16.56 10.13
C20 7BS E . -19.21 16.33 9.60
C21 7BS E . -19.13 14.79 9.56
C22 7BS E . -17.82 14.13 9.83
C23 7BS E . -17.81 12.80 9.86
C24 7BS E . -16.56 12.04 9.57
O29 7BS E . -15.67 12.38 10.65
C33 7BS E . -14.25 12.18 10.78
C32 7BS E . -13.47 12.85 9.61
O36 7BS E . -13.83 12.31 8.33
C31 7BS E . -11.93 12.65 9.78
O71 7BS E . -11.18 13.50 8.89
C72 7BS E . -11.08 13.10 7.51
C30 7BS E . -11.49 13.14 11.18
O37 7BS E . -10.14 12.69 11.41
C35 7BS E . -12.40 12.58 12.29
C38 7BS E . -12.02 13.23 13.65
O39 7BS E . -12.12 14.66 13.58
O34 7BS E . -13.81 12.77 12.02
C27 7BS E . -16.84 10.51 9.42
C26 7BS E . -15.81 9.96 8.46
O28 7BS E . -14.91 9.21 8.80
O25 7BS E . -16.08 10.33 7.21
C8 7BS E . -15.01 10.14 6.27
C9 7BS E . -15.39 11.15 5.15
C10 7BS E . -15.20 12.59 5.54
C11 7BS E . -16.11 13.55 5.39
C12 7BS E . -15.84 14.97 5.71
C13 7BS E . -16.72 15.97 5.51
C14 7BS E . -16.42 17.41 5.85
C15 7BS E . -17.65 18.14 6.47
C19 7BS E . -17.33 19.64 6.73
C16 7BS E . -17.97 17.47 7.79
C17 7BS E . -19.12 16.90 8.20
C18 7BS E . -20.39 16.82 7.37
C4 7BS E . -14.95 8.71 5.81
C1 7BS E . -14.01 8.03 5.12
C3 7BS E . -14.20 6.54 4.91
C2 7BS E . -12.70 8.51 4.52
C5 7BS E . -12.27 9.95 4.46
C6 7BS E . -11.86 10.56 3.35
C7 7BS E . -11.77 12.06 3.28
H1 7BS E . -21.68 17.97 11.12
H2 7BS E . -20.46 18.62 9.95
H3 7BS E . -19.93 17.96 11.54
H4 7BS E . -18.43 16.76 10.24
H5 7BS E . -19.45 14.48 8.55
H6 7BS E . -16.89 14.70 9.86
H7 7BS E . -18.77 12.27 9.77
H9 7BS E . -16.16 12.40 8.60
H10 7BS E . -14.05 11.10 10.78
H11 7BS E . -13.70 13.92 9.61
H12 7BS E . -14.35 12.95 7.85
H13 7BS E . -11.67 11.59 9.62
H14 7BS E . -10.48 13.84 6.96
H15 7BS E . -12.08 13.05 7.07
H16 7BS E . -10.60 12.12 7.44
H17 7BS E . -11.53 14.24 11.20
H18 7BS E . -9.69 12.57 10.58
H19 7BS E . -12.22 11.49 12.38
H20 7BS E . -10.98 12.96 13.91
H21 7BS E . -12.69 12.85 14.43
H22 7BS E . -11.76 15.05 14.36
H23 7BS E . -17.84 10.34 9.02
H24 7BS E . -16.74 10.02 10.40
H25 7BS E . -14.05 10.42 6.73
H26 7BS E . -16.46 11.00 4.90
H27 7BS E . -14.78 10.93 4.27
H28 7BS E . -14.23 12.87 5.95
H29 7BS E . -17.10 13.28 5.01
H30 7BS E . -14.88 15.22 6.17
H31 7BS E . -17.69 15.73 5.09
H32 7BS E . -16.13 17.94 4.93
H33 7BS E . -15.59 17.44 6.57
H34 7BS E . -18.51 18.05 5.79
H35 7BS E . -18.22 20.12 7.19
H36 7BS E . -17.10 20.13 5.78
H37 7BS E . -16.47 19.73 7.41
H38 7BS E . -17.16 17.46 8.53
H39 7BS E . -20.23 17.28 6.39
H40 7BS E . -21.20 17.35 7.90
H41 7BS E . -20.67 15.77 7.24
H42 7BS E . -15.81 8.10 6.11
H43 7BS E . -15.15 6.22 5.37
H44 7BS E . -13.36 5.99 5.38
H45 7BS E . -14.21 6.31 3.84
H46 7BS E . -12.71 8.16 3.47
H47 7BS E . -11.91 7.98 5.07
H48 7BS E . -12.39 10.56 5.37
H49 7BS E . -11.74 9.97 2.44
H50 7BS E . -11.40 12.34 2.28
H51 7BS E . -11.08 12.42 4.04
H52 7BS E . -12.77 12.48 3.43
H53 7BS E . -19.85 14.42 10.31
C1 PTY F . -22.04 27.04 -24.99
C2 PTY F . -14.78 28.32 -28.85
C3 PTY F . -14.94 27.74 -27.40
O4 PTY F . -22.57 28.40 -25.23
C5 PTY F . -19.72 27.02 -26.15
C6 PTY F . -21.16 26.39 -26.15
O7 PTY F . -21.79 26.53 -27.46
C8 PTY F . -22.06 25.42 -28.17
O10 PTY F . -21.17 24.69 -28.59
C11 PTY F . -23.45 25.29 -28.71
C30 PTY F . -22.91 29.13 -24.14
C31 PTY F . -24.40 29.23 -23.82
O30 PTY F . -22.12 29.69 -23.44
P1 PTY F . -17.30 26.36 -27.25
O11 PTY F . -16.37 27.62 -27.01
O12 PTY F . -16.93 25.31 -26.13
O13 PTY F . -16.92 25.68 -28.66
O14 PTY F . -18.89 26.63 -27.25
N1 PTY F . -14.69 29.80 -28.97
C1 PTY G . -27.38 48.19 9.26
C2 PTY G . -34.24 44.72 9.84
C3 PTY G . -34.25 46.29 9.94
O4 PTY G . -26.12 48.77 8.72
C5 PTY G . -29.98 48.30 9.40
C6 PTY G . -28.69 48.99 8.84
O7 PTY G . -28.78 49.15 7.38
C8 PTY G . -28.15 50.20 6.82
O10 PTY G . -28.40 51.35 7.16
C11 PTY G . -27.41 49.92 5.55
C30 PTY G . -25.00 48.02 8.81
C31 PTY G . -24.92 47.04 9.98
O30 PTY G . -24.10 48.09 8.03
P1 PTY G . -32.70 48.43 9.22
O11 PTY G . -33.06 46.88 9.30
O12 PTY G . -33.68 49.15 8.17
O13 PTY G . -33.04 49.06 10.63
O14 PTY G . -31.19 48.79 8.81
N1 PTY G . -32.95 44.07 10.18
#